data_2KV6
# 
_entry.id   2KV6 
# 
_audit_conform.dict_name       mmcif_pdbx.dic 
_audit_conform.dict_version    5.397 
_audit_conform.dict_location   http://mmcif.pdb.org/dictionaries/ascii/mmcif_pdbx.dic 
# 
loop_
_database_2.database_id 
_database_2.database_code 
_database_2.pdbx_database_accession 
_database_2.pdbx_DOI 
PDB   2KV6         pdb_00002kv6 10.2210/pdb2kv6/pdb 
RCSB  RCSB101612   ?            ?                   
WWPDB D_1000101612 ?            ?                   
# 
loop_
_pdbx_audit_revision_history.ordinal 
_pdbx_audit_revision_history.data_content_type 
_pdbx_audit_revision_history.major_revision 
_pdbx_audit_revision_history.minor_revision 
_pdbx_audit_revision_history.revision_date 
1 'Structure model' 1 0 2010-07-21 
2 'Structure model' 1 1 2011-07-13 
3 'Structure model' 1 2 2024-10-16 
# 
_pdbx_audit_revision_details.ordinal             1 
_pdbx_audit_revision_details.revision_ordinal    1 
_pdbx_audit_revision_details.data_content_type   'Structure model' 
_pdbx_audit_revision_details.provider            repository 
_pdbx_audit_revision_details.type                'Initial release' 
_pdbx_audit_revision_details.description         ? 
_pdbx_audit_revision_details.details             ? 
# 
loop_
_pdbx_audit_revision_group.ordinal 
_pdbx_audit_revision_group.revision_ordinal 
_pdbx_audit_revision_group.data_content_type 
_pdbx_audit_revision_group.group 
1 2 'Structure model' 'Version format compliance' 
2 3 'Structure model' 'Data collection'           
3 3 'Structure model' 'Database references'       
4 3 'Structure model' 'Derived calculations'      
5 3 'Structure model' 'Structure summary'         
# 
loop_
_pdbx_audit_revision_category.ordinal 
_pdbx_audit_revision_category.revision_ordinal 
_pdbx_audit_revision_category.data_content_type 
_pdbx_audit_revision_category.category 
1 3 'Structure model' chem_comp_atom            
2 3 'Structure model' chem_comp_bond            
3 3 'Structure model' database_2                
4 3 'Structure model' pdbx_entry_details        
5 3 'Structure model' pdbx_modification_feature 
6 3 'Structure model' pdbx_nmr_software         
7 3 'Structure model' pdbx_nmr_spectrometer     
8 3 'Structure model' struct_conn               
# 
loop_
_pdbx_audit_revision_item.ordinal 
_pdbx_audit_revision_item.revision_ordinal 
_pdbx_audit_revision_item.data_content_type 
_pdbx_audit_revision_item.item 
1 3 'Structure model' '_database_2.pdbx_DOI'                
2 3 'Structure model' '_database_2.pdbx_database_accession' 
3 3 'Structure model' '_pdbx_nmr_software.name'             
4 3 'Structure model' '_pdbx_nmr_spectrometer.model'        
5 3 'Structure model' '_struct_conn.pdbx_leaving_atom_flag' 
# 
_pdbx_database_status.deposit_site                    BMRB 
_pdbx_database_status.entry_id                        2KV6 
_pdbx_database_status.process_site                    RCSB 
_pdbx_database_status.recvd_initial_deposition_date   2010-03-08 
_pdbx_database_status.SG_entry                        ? 
_pdbx_database_status.status_code                     REL 
_pdbx_database_status.status_code_mr                  REL 
_pdbx_database_status.status_code_sf                  ? 
_pdbx_database_status.pdb_format_compatible           Y 
_pdbx_database_status.status_code_cs                  ? 
_pdbx_database_status.status_code_nmr_data            ? 
_pdbx_database_status.methods_development_category    ? 
# 
loop_
_audit_author.name 
_audit_author.pdbx_ordinal 
'Huang, H.'      1 
'Kozekov, I.D.'  2 
'Kozekova, A.'   3 
'Rizzo, C.J.'    4 
'McCullough, A.' 5 
'LLoyd, R.S.'    6 
'Stone, M.P.'    7 
# 
_citation.id                        primary 
_citation.title                     
;Minor Groove Orientation of the KWKK Peptide Tethered via the N-Terminal Amine to the Acrolein-Derived 1,N(2)-gamma-Hydroxypropanodeoxyguanosine Lesion with a Trimethylene Linkage .
;
_citation.journal_abbrev            Biochemistry 
_citation.journal_volume            49 
_citation.page_first                6155 
_citation.page_last                 6164 
_citation.year                      2010 
_citation.journal_id_ASTM           BICHAW 
_citation.country                   US 
_citation.journal_id_ISSN           0006-2960 
_citation.journal_id_CSD            0033 
_citation.book_publisher            ? 
_citation.pdbx_database_id_PubMed   20604523 
_citation.pdbx_database_id_DOI      10.1021/bi100364f 
# 
loop_
_citation_author.citation_id 
_citation_author.name 
_citation_author.ordinal 
_citation_author.identifier_ORCID 
primary 'Huang, H.'        1 ? 
primary 'Kozekov, I.D.'    2 ? 
primary 'Kozekova, A.'     3 ? 
primary 'Rizzo, C.J.'      4 ? 
primary 'McCullough, A.K.' 5 ? 
primary 'Lloyd, R.S.'      6 ? 
primary 'Stone, M.P.'      7 ? 
# 
loop_
_entity.id 
_entity.type 
_entity.src_method 
_entity.pdbx_description 
_entity.formula_weight 
_entity.pdbx_number_of_molecules 
_entity.pdbx_ec 
_entity.pdbx_mutation 
_entity.pdbx_fragment 
_entity.details 
1 polymer syn "5'-D(*GP*CP*TP*AP*GP*CP*GP*AP*GP*TP*CP*C)-3'" 3705.472 1 ? ? ? ? 
2 polymer syn "5'-D(*GP*GP*AP*CP*TP*CP*GP*CP*TP*AP*GP*C)-3'" 3663.392 1 ? ? ? ? 
3 polymer syn 'KWKK Tetrapeptide'                            591.764  1 ? ? ? ? 
# 
loop_
_entity_poly.entity_id 
_entity_poly.type 
_entity_poly.nstd_linkage 
_entity_poly.nstd_monomer 
_entity_poly.pdbx_seq_one_letter_code 
_entity_poly.pdbx_seq_one_letter_code_can 
_entity_poly.pdbx_strand_id 
_entity_poly.pdbx_target_identifier 
1 polydeoxyribonucleotide no yes '(DG)(DC)(DT)(DA)(DG)(DC)(0AD)(DA)(DG)(DT)(DC)(DC)' GCTAGCGAGTCC A ? 
2 polydeoxyribonucleotide no no  '(DG)(DG)(DA)(DC)(DT)(DC)(DG)(DC)(DT)(DA)(DG)(DC)'  GGACTCGCTAGC B ? 
3 'polypeptide(L)'        no no  KWKK                                                KWKK         C ? 
# 
loop_
_entity_poly_seq.entity_id 
_entity_poly_seq.num 
_entity_poly_seq.mon_id 
_entity_poly_seq.hetero 
1 1  DG  n 
1 2  DC  n 
1 3  DT  n 
1 4  DA  n 
1 5  DG  n 
1 6  DC  n 
1 7  0AD n 
1 8  DA  n 
1 9  DG  n 
1 10 DT  n 
1 11 DC  n 
1 12 DC  n 
2 1  DG  n 
2 2  DG  n 
2 3  DA  n 
2 4  DC  n 
2 5  DT  n 
2 6  DC  n 
2 7  DG  n 
2 8  DC  n 
2 9  DT  n 
2 10 DA  n 
2 11 DG  n 
2 12 DC  n 
3 1  LYS n 
3 2  TRP n 
3 3  LYS n 
3 4  LYS n 
# 
loop_
_chem_comp.id 
_chem_comp.type 
_chem_comp.mon_nstd_flag 
_chem_comp.name 
_chem_comp.pdbx_synonyms 
_chem_comp.formula 
_chem_comp.formula_weight 
0AD 'DNA linking'       n 
;2'-deoxy-N-propylguanosine 5'-(dihydrogen phosphate)
;
? 'C13 H20 N5 O7 P' 389.301 
DA  'DNA linking'       y "2'-DEOXYADENOSINE-5'-MONOPHOSPHATE"                   ? 'C10 H14 N5 O6 P' 331.222 
DC  'DNA linking'       y "2'-DEOXYCYTIDINE-5'-MONOPHOSPHATE"                    ? 'C9 H14 N3 O7 P'  307.197 
DG  'DNA linking'       y "2'-DEOXYGUANOSINE-5'-MONOPHOSPHATE"                   ? 'C10 H14 N5 O7 P' 347.221 
DT  'DNA linking'       y "THYMIDINE-5'-MONOPHOSPHATE"                           ? 'C10 H15 N2 O8 P' 322.208 
LYS 'L-peptide linking' y LYSINE                                                 ? 'C6 H15 N2 O2 1'  147.195 
TRP 'L-peptide linking' y TRYPTOPHAN                                             ? 'C11 H12 N2 O2'   204.225 
# 
loop_
_pdbx_poly_seq_scheme.asym_id 
_pdbx_poly_seq_scheme.entity_id 
_pdbx_poly_seq_scheme.seq_id 
_pdbx_poly_seq_scheme.mon_id 
_pdbx_poly_seq_scheme.ndb_seq_num 
_pdbx_poly_seq_scheme.pdb_seq_num 
_pdbx_poly_seq_scheme.auth_seq_num 
_pdbx_poly_seq_scheme.pdb_mon_id 
_pdbx_poly_seq_scheme.auth_mon_id 
_pdbx_poly_seq_scheme.pdb_strand_id 
_pdbx_poly_seq_scheme.pdb_ins_code 
_pdbx_poly_seq_scheme.hetero 
A 1 1  DG  1  1  1  DG  DG  A . n 
A 1 2  DC  2  2  2  DC  DC  A . n 
A 1 3  DT  3  3  3  DT  DT  A . n 
A 1 4  DA  4  4  4  DA  DA  A . n 
A 1 5  DG  5  5  5  DG  DG  A . n 
A 1 6  DC  6  6  6  DC  DC  A . n 
A 1 7  0AD 7  7  7  0AD 0AD A . n 
A 1 8  DA  8  8  8  DA  DA  A . n 
A 1 9  DG  9  9  9  DG  DG  A . n 
A 1 10 DT  10 10 10 DT  DT  A . n 
A 1 11 DC  11 11 11 DC  DC  A . n 
A 1 12 DC  12 12 12 DC  DC  A . n 
B 2 1  DG  1  13 13 DG  DG  B . n 
B 2 2  DG  2  14 14 DG  DG  B . n 
B 2 3  DA  3  15 15 DA  DA  B . n 
B 2 4  DC  4  16 16 DC  DC  B . n 
B 2 5  DT  5  17 17 DT  DT  B . n 
B 2 6  DC  6  18 18 DC  DC  B . n 
B 2 7  DG  7  19 19 DG  DG  B . n 
B 2 8  DC  8  20 20 DC  DC  B . n 
B 2 9  DT  9  21 21 DT  DT  B . n 
B 2 10 DA  10 22 22 DA  DA  B . n 
B 2 11 DG  11 23 23 DG  DG  B . n 
B 2 12 DC  12 24 24 DC  DC  B . n 
C 3 1  LYS 1  26 26 LYS LYS C . n 
C 3 2  TRP 2  27 27 TRP TRP C . n 
C 3 3  LYS 3  28 28 LYS LYS C . n 
C 3 4  LYS 4  29 29 LYS LYS C . n 
# 
_exptl.absorpt_coefficient_mu     ? 
_exptl.absorpt_correction_T_max   ? 
_exptl.absorpt_correction_T_min   ? 
_exptl.absorpt_correction_type    ? 
_exptl.absorpt_process_details    ? 
_exptl.crystals_number            ? 
_exptl.details                    ? 
_exptl.entry_id                   2KV6 
_exptl.method                     'SOLUTION NMR' 
_exptl.method_details             ? 
# 
_struct.entry_id                  2KV6 
_struct.title                     'Tetrapeptide KWKK conjugated to oligonucleotide duplex by a trimethylene tether' 
_struct.pdbx_model_details        'closest to the average, model 1' 
_struct.pdbx_CASP_flag            ? 
_struct.pdbx_model_type_details   ? 
# 
_struct_keywords.entry_id        2KV6 
_struct_keywords.pdbx_keywords   'DNA BINDING PROTEIN/DNA' 
_struct_keywords.text            
'DNA-peptide conjugate, trimethylene, acrolein-dG adduct, DNA-peptide complex, DNA BINDING PROTEIN-DNA complex' 
# 
loop_
_struct_asym.id 
_struct_asym.pdbx_blank_PDB_chainid_flag 
_struct_asym.pdbx_modified 
_struct_asym.entity_id 
_struct_asym.details 
A N N 1 ? 
B N N 2 ? 
C N N 3 ? 
# 
loop_
_struct_ref.id 
_struct_ref.db_name 
_struct_ref.db_code 
_struct_ref.pdbx_db_accession 
_struct_ref.entity_id 
_struct_ref.pdbx_align_begin 
_struct_ref.pdbx_seq_one_letter_code 
_struct_ref.pdbx_db_isoform 
1 PDB 2KV6 2KV6 1 ? GCTAGCGAGTCC ? 
2 PDB 2KV6 2KV6 2 ? GGACTCGCTAGC ? 
3 PDB 2KV6 2KV6 3 ? KWKK         ? 
# 
loop_
_struct_ref_seq.align_id 
_struct_ref_seq.ref_id 
_struct_ref_seq.pdbx_PDB_id_code 
_struct_ref_seq.pdbx_strand_id 
_struct_ref_seq.seq_align_beg 
_struct_ref_seq.pdbx_seq_align_beg_ins_code 
_struct_ref_seq.seq_align_end 
_struct_ref_seq.pdbx_seq_align_end_ins_code 
_struct_ref_seq.pdbx_db_accession 
_struct_ref_seq.db_align_beg 
_struct_ref_seq.pdbx_db_align_beg_ins_code 
_struct_ref_seq.db_align_end 
_struct_ref_seq.pdbx_db_align_end_ins_code 
_struct_ref_seq.pdbx_auth_seq_align_beg 
_struct_ref_seq.pdbx_auth_seq_align_end 
1 1 2KV6 A 1 ? 12 ? 2KV6 1  ? 12 ? 1  12 
2 2 2KV6 B 1 ? 12 ? 2KV6 13 ? 24 ? 13 24 
3 3 2KV6 C 1 ? 4  ? 2KV6 26 ? 29 ? 26 29 
# 
_pdbx_struct_assembly.id                   1 
_pdbx_struct_assembly.details              author_defined_assembly 
_pdbx_struct_assembly.method_details       ? 
_pdbx_struct_assembly.oligomeric_details   trimeric 
_pdbx_struct_assembly.oligomeric_count     3 
# 
_pdbx_struct_assembly_gen.assembly_id       1 
_pdbx_struct_assembly_gen.oper_expression   1 
_pdbx_struct_assembly_gen.asym_id_list      A,B,C 
# 
_pdbx_struct_oper_list.id                   1 
_pdbx_struct_oper_list.type                 'identity operation' 
_pdbx_struct_oper_list.name                 1_555 
_pdbx_struct_oper_list.symmetry_operation   x,y,z 
_pdbx_struct_oper_list.matrix[1][1]         1.0000000000 
_pdbx_struct_oper_list.matrix[1][2]         0.0000000000 
_pdbx_struct_oper_list.matrix[1][3]         0.0000000000 
_pdbx_struct_oper_list.vector[1]            0.0000000000 
_pdbx_struct_oper_list.matrix[2][1]         0.0000000000 
_pdbx_struct_oper_list.matrix[2][2]         1.0000000000 
_pdbx_struct_oper_list.matrix[2][3]         0.0000000000 
_pdbx_struct_oper_list.vector[2]            0.0000000000 
_pdbx_struct_oper_list.matrix[3][1]         0.0000000000 
_pdbx_struct_oper_list.matrix[3][2]         0.0000000000 
_pdbx_struct_oper_list.matrix[3][3]         1.0000000000 
_pdbx_struct_oper_list.vector[3]            0.0000000000 
# 
_struct_biol.id        1 
_struct_biol.details   ? 
# 
loop_
_struct_conn.id 
_struct_conn.conn_type_id 
_struct_conn.pdbx_leaving_atom_flag 
_struct_conn.pdbx_PDB_id 
_struct_conn.ptnr1_label_asym_id 
_struct_conn.ptnr1_label_comp_id 
_struct_conn.ptnr1_label_seq_id 
_struct_conn.ptnr1_label_atom_id 
_struct_conn.pdbx_ptnr1_label_alt_id 
_struct_conn.pdbx_ptnr1_PDB_ins_code 
_struct_conn.pdbx_ptnr1_standard_comp_id 
_struct_conn.ptnr1_symmetry 
_struct_conn.ptnr2_label_asym_id 
_struct_conn.ptnr2_label_comp_id 
_struct_conn.ptnr2_label_seq_id 
_struct_conn.ptnr2_label_atom_id 
_struct_conn.pdbx_ptnr2_label_alt_id 
_struct_conn.pdbx_ptnr2_PDB_ins_code 
_struct_conn.ptnr1_auth_asym_id 
_struct_conn.ptnr1_auth_comp_id 
_struct_conn.ptnr1_auth_seq_id 
_struct_conn.ptnr2_auth_asym_id 
_struct_conn.ptnr2_auth_comp_id 
_struct_conn.ptnr2_auth_seq_id 
_struct_conn.ptnr2_symmetry 
_struct_conn.pdbx_ptnr3_label_atom_id 
_struct_conn.pdbx_ptnr3_label_seq_id 
_struct_conn.pdbx_ptnr3_label_comp_id 
_struct_conn.pdbx_ptnr3_label_asym_id 
_struct_conn.pdbx_ptnr3_label_alt_id 
_struct_conn.pdbx_ptnr3_PDB_ins_code 
_struct_conn.details 
_struct_conn.pdbx_dist_value 
_struct_conn.pdbx_value_order 
_struct_conn.pdbx_role 
covale1  covale one ? A 0AD 7  C6A ? ? ? 1_555 C LYS 1  N  ? ? A 0AD 7  C LYS 26 1_555 ? ? ? ? ? ? ?            1.487 ? ? 
hydrog1  hydrog ?   ? A DG  1  N1  ? ? ? 1_555 B DC  12 N3 ? ? A DG  1  B DC  24 1_555 ? ? ? ? ? ? WATSON-CRICK ?     ? ? 
hydrog2  hydrog ?   ? A DG  1  N2  ? ? ? 1_555 B DC  12 O2 ? ? A DG  1  B DC  24 1_555 ? ? ? ? ? ? WATSON-CRICK ?     ? ? 
hydrog3  hydrog ?   ? A DG  1  O6  ? ? ? 1_555 B DC  12 N4 ? ? A DG  1  B DC  24 1_555 ? ? ? ? ? ? WATSON-CRICK ?     ? ? 
hydrog4  hydrog ?   ? A DC  2  N3  ? ? ? 1_555 B DG  11 N1 ? ? A DC  2  B DG  23 1_555 ? ? ? ? ? ? WATSON-CRICK ?     ? ? 
hydrog5  hydrog ?   ? A DC  2  N4  ? ? ? 1_555 B DG  11 O6 ? ? A DC  2  B DG  23 1_555 ? ? ? ? ? ? WATSON-CRICK ?     ? ? 
hydrog6  hydrog ?   ? A DC  2  O2  ? ? ? 1_555 B DG  11 N2 ? ? A DC  2  B DG  23 1_555 ? ? ? ? ? ? WATSON-CRICK ?     ? ? 
hydrog7  hydrog ?   ? A DT  3  N3  ? ? ? 1_555 B DA  10 N1 ? ? A DT  3  B DA  22 1_555 ? ? ? ? ? ? WATSON-CRICK ?     ? ? 
hydrog8  hydrog ?   ? A DT  3  O4  ? ? ? 1_555 B DA  10 N6 ? ? A DT  3  B DA  22 1_555 ? ? ? ? ? ? WATSON-CRICK ?     ? ? 
hydrog9  hydrog ?   ? A DA  4  N1  ? ? ? 1_555 B DT  9  N3 ? ? A DA  4  B DT  21 1_555 ? ? ? ? ? ? WATSON-CRICK ?     ? ? 
hydrog10 hydrog ?   ? A DA  4  N6  ? ? ? 1_555 B DT  9  O4 ? ? A DA  4  B DT  21 1_555 ? ? ? ? ? ? WATSON-CRICK ?     ? ? 
hydrog11 hydrog ?   ? A DG  5  N1  ? ? ? 1_555 B DC  8  N3 ? ? A DG  5  B DC  20 1_555 ? ? ? ? ? ? WATSON-CRICK ?     ? ? 
hydrog12 hydrog ?   ? A DG  5  N2  ? ? ? 1_555 B DC  8  O2 ? ? A DG  5  B DC  20 1_555 ? ? ? ? ? ? WATSON-CRICK ?     ? ? 
hydrog13 hydrog ?   ? A DG  5  O6  ? ? ? 1_555 B DC  8  N4 ? ? A DG  5  B DC  20 1_555 ? ? ? ? ? ? WATSON-CRICK ?     ? ? 
hydrog14 hydrog ?   ? A DC  6  N3  ? ? ? 1_555 B DG  7  N1 ? ? A DC  6  B DG  19 1_555 ? ? ? ? ? ? WATSON-CRICK ?     ? ? 
hydrog15 hydrog ?   ? A DC  6  N4  ? ? ? 1_555 B DG  7  O6 ? ? A DC  6  B DG  19 1_555 ? ? ? ? ? ? WATSON-CRICK ?     ? ? 
hydrog16 hydrog ?   ? A DC  6  O2  ? ? ? 1_555 B DG  7  N2 ? ? A DC  6  B DG  19 1_555 ? ? ? ? ? ? WATSON-CRICK ?     ? ? 
hydrog17 hydrog ?   ? A 0AD 7  N1  ? ? ? 1_555 B DC  6  N3 ? ? A 0AD 7  B DC  18 1_555 ? ? ? ? ? ? WATSON-CRICK ?     ? ? 
hydrog18 hydrog ?   ? A 0AD 7  N2  ? ? ? 1_555 B DC  6  O2 ? ? A 0AD 7  B DC  18 1_555 ? ? ? ? ? ? WATSON-CRICK ?     ? ? 
hydrog19 hydrog ?   ? A 0AD 7  O6  ? ? ? 1_555 B DC  6  N4 ? ? A 0AD 7  B DC  18 1_555 ? ? ? ? ? ? WATSON-CRICK ?     ? ? 
hydrog20 hydrog ?   ? A DA  8  N1  ? ? ? 1_555 B DT  5  N3 ? ? A DA  8  B DT  17 1_555 ? ? ? ? ? ? WATSON-CRICK ?     ? ? 
hydrog21 hydrog ?   ? A DA  8  N6  ? ? ? 1_555 B DT  5  O4 ? ? A DA  8  B DT  17 1_555 ? ? ? ? ? ? WATSON-CRICK ?     ? ? 
hydrog22 hydrog ?   ? A DG  9  N1  ? ? ? 1_555 B DC  4  N3 ? ? A DG  9  B DC  16 1_555 ? ? ? ? ? ? WATSON-CRICK ?     ? ? 
hydrog23 hydrog ?   ? A DG  9  N2  ? ? ? 1_555 B DC  4  O2 ? ? A DG  9  B DC  16 1_555 ? ? ? ? ? ? WATSON-CRICK ?     ? ? 
hydrog24 hydrog ?   ? A DG  9  O6  ? ? ? 1_555 B DC  4  N4 ? ? A DG  9  B DC  16 1_555 ? ? ? ? ? ? WATSON-CRICK ?     ? ? 
hydrog25 hydrog ?   ? A DT  10 N3  ? ? ? 1_555 B DA  3  N1 ? ? A DT  10 B DA  15 1_555 ? ? ? ? ? ? WATSON-CRICK ?     ? ? 
hydrog26 hydrog ?   ? A DT  10 O4  ? ? ? 1_555 B DA  3  N6 ? ? A DT  10 B DA  15 1_555 ? ? ? ? ? ? WATSON-CRICK ?     ? ? 
hydrog27 hydrog ?   ? A DC  11 N3  ? ? ? 1_555 B DG  2  N1 ? ? A DC  11 B DG  14 1_555 ? ? ? ? ? ? WATSON-CRICK ?     ? ? 
hydrog28 hydrog ?   ? A DC  11 N4  ? ? ? 1_555 B DG  2  O6 ? ? A DC  11 B DG  14 1_555 ? ? ? ? ? ? WATSON-CRICK ?     ? ? 
hydrog29 hydrog ?   ? A DC  11 O2  ? ? ? 1_555 B DG  2  N2 ? ? A DC  11 B DG  14 1_555 ? ? ? ? ? ? WATSON-CRICK ?     ? ? 
hydrog30 hydrog ?   ? A DC  12 N3  ? ? ? 1_555 B DG  1  N1 ? ? A DC  12 B DG  13 1_555 ? ? ? ? ? ? WATSON-CRICK ?     ? ? 
hydrog31 hydrog ?   ? A DC  12 N4  ? ? ? 1_555 B DG  1  O6 ? ? A DC  12 B DG  13 1_555 ? ? ? ? ? ? WATSON-CRICK ?     ? ? 
hydrog32 hydrog ?   ? A DC  12 O2  ? ? ? 1_555 B DG  1  N2 ? ? A DC  12 B DG  13 1_555 ? ? ? ? ? ? WATSON-CRICK ?     ? ? 
# 
loop_
_struct_conn_type.id 
_struct_conn_type.criteria 
_struct_conn_type.reference 
covale ? ? 
hydrog ? ? 
# 
_pdbx_modification_feature.ordinal                            1 
_pdbx_modification_feature.label_comp_id                      0AD 
_pdbx_modification_feature.label_asym_id                      A 
_pdbx_modification_feature.label_seq_id                       7 
_pdbx_modification_feature.label_alt_id                       ? 
_pdbx_modification_feature.modified_residue_label_comp_id     LYS 
_pdbx_modification_feature.modified_residue_label_asym_id     C 
_pdbx_modification_feature.modified_residue_label_seq_id      1 
_pdbx_modification_feature.modified_residue_label_alt_id      ? 
_pdbx_modification_feature.auth_comp_id                       0AD 
_pdbx_modification_feature.auth_asym_id                       A 
_pdbx_modification_feature.auth_seq_id                        7 
_pdbx_modification_feature.PDB_ins_code                       ? 
_pdbx_modification_feature.symmetry                           1_555 
_pdbx_modification_feature.modified_residue_auth_comp_id      LYS 
_pdbx_modification_feature.modified_residue_auth_asym_id      C 
_pdbx_modification_feature.modified_residue_auth_seq_id       26 
_pdbx_modification_feature.modified_residue_PDB_ins_code      ? 
_pdbx_modification_feature.modified_residue_symmetry          1_555 
_pdbx_modification_feature.comp_id_linking_atom               C6A 
_pdbx_modification_feature.modified_residue_id_linking_atom   N 
_pdbx_modification_feature.modified_residue_id                LYS 
_pdbx_modification_feature.ref_pcm_id                         1 
_pdbx_modification_feature.ref_comp_id                        0AD 
_pdbx_modification_feature.type                               None 
_pdbx_modification_feature.category                           'Covalent chemical modification' 
# 
_pdbx_entry_details.entry_id                   2KV6 
_pdbx_entry_details.compound_details           ? 
_pdbx_entry_details.source_details             ? 
_pdbx_entry_details.nonpolymer_details         ? 
_pdbx_entry_details.sequence_details           ? 
_pdbx_entry_details.has_ligand_of_interest     ? 
_pdbx_entry_details.has_protein_modification   Y 
# 
loop_
_pdbx_validate_rmsd_angle.id 
_pdbx_validate_rmsd_angle.PDB_model_num 
_pdbx_validate_rmsd_angle.auth_atom_id_1 
_pdbx_validate_rmsd_angle.auth_asym_id_1 
_pdbx_validate_rmsd_angle.auth_comp_id_1 
_pdbx_validate_rmsd_angle.auth_seq_id_1 
_pdbx_validate_rmsd_angle.PDB_ins_code_1 
_pdbx_validate_rmsd_angle.label_alt_id_1 
_pdbx_validate_rmsd_angle.auth_atom_id_2 
_pdbx_validate_rmsd_angle.auth_asym_id_2 
_pdbx_validate_rmsd_angle.auth_comp_id_2 
_pdbx_validate_rmsd_angle.auth_seq_id_2 
_pdbx_validate_rmsd_angle.PDB_ins_code_2 
_pdbx_validate_rmsd_angle.label_alt_id_2 
_pdbx_validate_rmsd_angle.auth_atom_id_3 
_pdbx_validate_rmsd_angle.auth_asym_id_3 
_pdbx_validate_rmsd_angle.auth_comp_id_3 
_pdbx_validate_rmsd_angle.auth_seq_id_3 
_pdbx_validate_rmsd_angle.PDB_ins_code_3 
_pdbx_validate_rmsd_angle.label_alt_id_3 
_pdbx_validate_rmsd_angle.angle_value 
_pdbx_validate_rmsd_angle.angle_target_value 
_pdbx_validate_rmsd_angle.angle_deviation 
_pdbx_validate_rmsd_angle.angle_standard_deviation 
_pdbx_validate_rmsd_angle.linker_flag 
1  1 N3    A DC 2  ? ? C2    A DC 2  ? ? O2 A DC 2  ? ? 116.98 121.90 -4.92 0.70 N 
2  1 "O4'" A DT 3  ? ? "C1'" A DT 3  ? ? N1 A DT 3  ? ? 110.30 108.30 2.00  0.30 N 
3  1 C4    A DA 4  ? ? C5    A DA 4  ? ? C6 A DA 4  ? ? 113.65 117.00 -3.35 0.50 N 
4  1 C5    A DA 4  ? ? C6    A DA 4  ? ? N1 A DA 4  ? ? 121.38 117.70 3.68  0.50 N 
5  1 N1    A DA 4  ? ? C6    A DA 4  ? ? N6 A DA 4  ? ? 113.66 118.60 -4.94 0.60 N 
6  1 "O4'" A DG 5  ? ? "C1'" A DG 5  ? ? N9 A DG 5  ? ? 110.15 108.30 1.85  0.30 N 
7  1 N3    A DC 6  ? ? C2    A DC 6  ? ? O2 A DC 6  ? ? 116.68 121.90 -5.22 0.70 N 
8  1 C4    A DA 8  ? ? C5    A DA 8  ? ? C6 A DA 8  ? ? 113.32 117.00 -3.68 0.50 N 
9  1 C5    A DA 8  ? ? C6    A DA 8  ? ? N1 A DA 8  ? ? 121.11 117.70 3.41  0.50 N 
10 1 N1    A DA 8  ? ? C6    A DA 8  ? ? N6 A DA 8  ? ? 112.86 118.60 -5.74 0.60 N 
11 1 "O4'" A DG 9  ? ? "C1'" A DG 9  ? ? N9 A DG 9  ? ? 111.16 108.30 2.86  0.30 N 
12 1 N3    A DC 11 ? ? C2    A DC 11 ? ? O2 A DC 11 ? ? 117.06 121.90 -4.84 0.70 N 
13 1 N3    A DC 12 ? ? C2    A DC 12 ? ? O2 A DC 12 ? ? 116.89 121.90 -5.01 0.70 N 
14 1 C4    B DA 15 ? ? C5    B DA 15 ? ? C6 B DA 15 ? ? 113.95 117.00 -3.05 0.50 N 
15 1 C5    B DA 15 ? ? C6    B DA 15 ? ? N1 B DA 15 ? ? 121.42 117.70 3.72  0.50 N 
16 1 N1    B DA 15 ? ? C6    B DA 15 ? ? N6 B DA 15 ? ? 114.07 118.60 -4.53 0.60 N 
17 1 "O4'" B DC 16 ? ? "C1'" B DC 16 ? ? N1 B DC 16 ? ? 111.72 108.30 3.42  0.30 N 
18 1 N3    B DC 16 ? ? C2    B DC 16 ? ? O2 B DC 16 ? ? 116.95 121.90 -4.95 0.70 N 
19 1 C6    B DT 17 ? ? C5    B DT 17 ? ? C7 B DT 17 ? ? 119.28 122.90 -3.62 0.60 N 
20 1 "O4'" B DC 18 ? ? "C1'" B DC 18 ? ? N1 B DC 18 ? ? 110.99 108.30 2.69  0.30 N 
21 1 N3    B DC 18 ? ? C2    B DC 18 ? ? O2 B DC 18 ? ? 116.99 121.90 -4.91 0.70 N 
22 1 "O4'" B DC 20 ? ? "C1'" B DC 20 ? ? N1 B DC 20 ? ? 110.34 108.30 2.04  0.30 N 
23 1 N3    B DC 20 ? ? C2    B DC 20 ? ? O2 B DC 20 ? ? 116.73 121.90 -5.17 0.70 N 
24 1 "O4'" B DT 21 ? ? "C1'" B DT 21 ? ? N1 B DT 21 ? ? 110.73 108.30 2.43  0.30 N 
25 1 C6    B DT 21 ? ? C5    B DT 21 ? ? C7 B DT 21 ? ? 119.25 122.90 -3.65 0.60 N 
26 1 C4    B DA 22 ? ? C5    B DA 22 ? ? C6 B DA 22 ? ? 113.59 117.00 -3.41 0.50 N 
27 1 C5    B DA 22 ? ? C6    B DA 22 ? ? N1 B DA 22 ? ? 121.21 117.70 3.51  0.50 N 
28 1 N1    B DA 22 ? ? C6    B DA 22 ? ? N6 B DA 22 ? ? 113.77 118.60 -4.83 0.60 N 
29 1 "O4'" B DC 24 ? ? "C1'" B DC 24 ? ? N1 B DC 24 ? ? 110.52 108.30 2.22  0.30 N 
30 1 N1    B DC 24 ? ? C2    B DC 24 ? ? O2 B DC 24 ? ? 122.51 118.90 3.61  0.60 N 
31 1 N3    B DC 24 ? ? C2    B DC 24 ? ? O2 B DC 24 ? ? 116.73 121.90 -5.17 0.70 N 
# 
_pdbx_struct_mod_residue.id               1 
_pdbx_struct_mod_residue.label_asym_id    A 
_pdbx_struct_mod_residue.label_comp_id    0AD 
_pdbx_struct_mod_residue.label_seq_id     7 
_pdbx_struct_mod_residue.auth_asym_id     A 
_pdbx_struct_mod_residue.auth_comp_id     0AD 
_pdbx_struct_mod_residue.auth_seq_id      7 
_pdbx_struct_mod_residue.PDB_ins_code     ? 
_pdbx_struct_mod_residue.parent_comp_id   DG 
_pdbx_struct_mod_residue.details          ? 
# 
_pdbx_nmr_ensemble.average_constraint_violations_per_residue     ? 
_pdbx_nmr_ensemble.average_constraints_per_residue               ? 
_pdbx_nmr_ensemble.average_distance_constraint_violation         ? 
_pdbx_nmr_ensemble.average_torsion_angle_constraint_violation    ? 
_pdbx_nmr_ensemble.conformer_selection_criteria                  'back calculated data agree with experimental NOESY spectrum' 
_pdbx_nmr_ensemble.conformers_calculated_total_number            10 
_pdbx_nmr_ensemble.conformers_submitted_total_number             1 
_pdbx_nmr_ensemble.distance_constraint_violation_method          ? 
_pdbx_nmr_ensemble.entry_id                                      2KV6 
_pdbx_nmr_ensemble.maximum_distance_constraint_violation         ? 
_pdbx_nmr_ensemble.maximum_lower_distance_constraint_violation   ? 
_pdbx_nmr_ensemble.maximum_torsion_angle_constraint_violation    ? 
_pdbx_nmr_ensemble.maximum_upper_distance_constraint_violation   ? 
_pdbx_nmr_ensemble.torsion_angle_constraint_violation_method     ? 
# 
_pdbx_nmr_representative.conformer_id         1 
_pdbx_nmr_representative.entry_id             2KV6 
_pdbx_nmr_representative.selection_criteria   'closest to the average' 
# 
_pdbx_nmr_sample_details.contents         
;0.8 mM DNA (5'-D(*GP*CP*TP*AP*GP*CP*GP*AP*GP*TP*CP*C)-3')-1, 0.8 mM DNA (5'-D(*GP*GP*AP*CP*TP*CP*GP*CP*TP*AP*GP*C)-3')-2, 0.8 mM entity_3-3, 100% D2O
;
_pdbx_nmr_sample_details.solution_id      1 
_pdbx_nmr_sample_details.solvent_system   '100% D2O' 
# 
loop_
_pdbx_nmr_exptl_sample.component 
_pdbx_nmr_exptl_sample.concentration 
_pdbx_nmr_exptl_sample.concentration_range 
_pdbx_nmr_exptl_sample.concentration_units 
_pdbx_nmr_exptl_sample.isotopic_labeling 
_pdbx_nmr_exptl_sample.solution_id 
;DNA (5'-D(*GP*CP*TP*AP*GP*CP*GP*AP*GP*TP*CP*C)-3')-1
;
0.8 ? mM ? 1 
;DNA (5'-D(*GP*GP*AP*CP*TP*CP*GP*CP*TP*AP*GP*C)-3')-2
;
0.8 ? mM ? 1 
entity_3-3                                             0.8 ? mM ? 1 
# 
_pdbx_nmr_exptl_sample_conditions.conditions_id       1 
_pdbx_nmr_exptl_sample_conditions.ionic_strength      100 
_pdbx_nmr_exptl_sample_conditions.pH                  5.3 
_pdbx_nmr_exptl_sample_conditions.pressure            ambient 
_pdbx_nmr_exptl_sample_conditions.pressure_units      ? 
_pdbx_nmr_exptl_sample_conditions.temperature         298 
_pdbx_nmr_exptl_sample_conditions.temperature_units   K 
# 
loop_
_pdbx_nmr_exptl.conditions_id 
_pdbx_nmr_exptl.experiment_id 
_pdbx_nmr_exptl.solution_id 
_pdbx_nmr_exptl.type 
1 1 1 '2D 1H-1H NOESY' 
1 2 1 '2D 1H-1H COSY'  
1 3 1 '2D 1H-1H TOCSY' 
1 4 1 '2D DQF-COSY'    
# 
_pdbx_nmr_refine.entry_id           2KV6 
_pdbx_nmr_refine.method             'simulated annealing' 
_pdbx_nmr_refine.details            ? 
_pdbx_nmr_refine.software_ordinal   1 
# 
_pdbx_nmr_software.authors          'Case, Darden, Cheatham, III, Simmerling, Wang, Duke, Luo, ... and Kollm' 
_pdbx_nmr_software.classification   refinement 
_pdbx_nmr_software.name             Amber 
_pdbx_nmr_software.version          7.0 
_pdbx_nmr_software.ordinal          1 
# 
loop_
_chem_comp_atom.comp_id 
_chem_comp_atom.atom_id 
_chem_comp_atom.type_symbol 
_chem_comp_atom.pdbx_aromatic_flag 
_chem_comp_atom.pdbx_stereo_config 
_chem_comp_atom.pdbx_ordinal 
0AD P      P N N 1   
0AD OP1    O N N 2   
0AD OP2    O N N 3   
0AD "O5'"  O N N 4   
0AD "C5'"  C N N 5   
0AD "C4'"  C N R 6   
0AD "O4'"  O N N 7   
0AD "C3'"  C N S 8   
0AD "O3'"  O N N 9   
0AD "C2'"  C N N 10  
0AD "C1'"  C N R 11  
0AD N9     N Y N 12  
0AD C8     C Y N 13  
0AD N7     N Y N 14  
0AD C5     C Y N 15  
0AD C6     C N N 16  
0AD O6     O N N 17  
0AD N1     N N N 18  
0AD C2     C N N 19  
0AD N2     N N N 20  
0AD C4A    C N N 21  
0AD C5A    C N N 22  
0AD N3     N N N 23  
0AD C4     C Y N 24  
0AD C6A    C N N 25  
0AD OP3    O N N 26  
0AD HP1    H N N 27  
0AD "H5'1" H N N 28  
0AD "H5'2" H N N 29  
0AD "H4'"  H N N 30  
0AD "H3'"  H N N 31  
0AD "H1'"  H N N 32  
0AD HA     H N N 33  
0AD "H2'1" H N N 34  
0AD "H2'2" H N N 35  
0AD H8     H N N 36  
0AD H1     H N N 37  
0AD H2     H N N 38  
0AD H4A1   H N N 39  
0AD H4A2   H N N 40  
0AD H5A1   H N N 41  
0AD H5A2   H N N 42  
0AD H17    H N N 43  
0AD H18    H N N 44  
0AD H19    H N N 45  
0AD H20    H N N 46  
DA  OP3    O N N 47  
DA  P      P N N 48  
DA  OP1    O N N 49  
DA  OP2    O N N 50  
DA  "O5'"  O N N 51  
DA  "C5'"  C N N 52  
DA  "C4'"  C N R 53  
DA  "O4'"  O N N 54  
DA  "C3'"  C N S 55  
DA  "O3'"  O N N 56  
DA  "C2'"  C N N 57  
DA  "C1'"  C N R 58  
DA  N9     N Y N 59  
DA  C8     C Y N 60  
DA  N7     N Y N 61  
DA  C5     C Y N 62  
DA  C6     C Y N 63  
DA  N6     N N N 64  
DA  N1     N Y N 65  
DA  C2     C Y N 66  
DA  N3     N Y N 67  
DA  C4     C Y N 68  
DA  HOP3   H N N 69  
DA  HOP2   H N N 70  
DA  "H5'"  H N N 71  
DA  "H5''" H N N 72  
DA  "H4'"  H N N 73  
DA  "H3'"  H N N 74  
DA  "HO3'" H N N 75  
DA  "H2'"  H N N 76  
DA  "H2''" H N N 77  
DA  "H1'"  H N N 78  
DA  H8     H N N 79  
DA  H61    H N N 80  
DA  H62    H N N 81  
DA  H2     H N N 82  
DC  OP3    O N N 83  
DC  P      P N N 84  
DC  OP1    O N N 85  
DC  OP2    O N N 86  
DC  "O5'"  O N N 87  
DC  "C5'"  C N N 88  
DC  "C4'"  C N R 89  
DC  "O4'"  O N N 90  
DC  "C3'"  C N S 91  
DC  "O3'"  O N N 92  
DC  "C2'"  C N N 93  
DC  "C1'"  C N R 94  
DC  N1     N N N 95  
DC  C2     C N N 96  
DC  O2     O N N 97  
DC  N3     N N N 98  
DC  C4     C N N 99  
DC  N4     N N N 100 
DC  C5     C N N 101 
DC  C6     C N N 102 
DC  HOP3   H N N 103 
DC  HOP2   H N N 104 
DC  "H5'"  H N N 105 
DC  "H5''" H N N 106 
DC  "H4'"  H N N 107 
DC  "H3'"  H N N 108 
DC  "HO3'" H N N 109 
DC  "H2'"  H N N 110 
DC  "H2''" H N N 111 
DC  "H1'"  H N N 112 
DC  H41    H N N 113 
DC  H42    H N N 114 
DC  H5     H N N 115 
DC  H6     H N N 116 
DG  OP3    O N N 117 
DG  P      P N N 118 
DG  OP1    O N N 119 
DG  OP2    O N N 120 
DG  "O5'"  O N N 121 
DG  "C5'"  C N N 122 
DG  "C4'"  C N R 123 
DG  "O4'"  O N N 124 
DG  "C3'"  C N S 125 
DG  "O3'"  O N N 126 
DG  "C2'"  C N N 127 
DG  "C1'"  C N R 128 
DG  N9     N Y N 129 
DG  C8     C Y N 130 
DG  N7     N Y N 131 
DG  C5     C Y N 132 
DG  C6     C N N 133 
DG  O6     O N N 134 
DG  N1     N N N 135 
DG  C2     C N N 136 
DG  N2     N N N 137 
DG  N3     N N N 138 
DG  C4     C Y N 139 
DG  HOP3   H N N 140 
DG  HOP2   H N N 141 
DG  "H5'"  H N N 142 
DG  "H5''" H N N 143 
DG  "H4'"  H N N 144 
DG  "H3'"  H N N 145 
DG  "HO3'" H N N 146 
DG  "H2'"  H N N 147 
DG  "H2''" H N N 148 
DG  "H1'"  H N N 149 
DG  H8     H N N 150 
DG  H1     H N N 151 
DG  H21    H N N 152 
DG  H22    H N N 153 
DT  OP3    O N N 154 
DT  P      P N N 155 
DT  OP1    O N N 156 
DT  OP2    O N N 157 
DT  "O5'"  O N N 158 
DT  "C5'"  C N N 159 
DT  "C4'"  C N R 160 
DT  "O4'"  O N N 161 
DT  "C3'"  C N S 162 
DT  "O3'"  O N N 163 
DT  "C2'"  C N N 164 
DT  "C1'"  C N R 165 
DT  N1     N N N 166 
DT  C2     C N N 167 
DT  O2     O N N 168 
DT  N3     N N N 169 
DT  C4     C N N 170 
DT  O4     O N N 171 
DT  C5     C N N 172 
DT  C7     C N N 173 
DT  C6     C N N 174 
DT  HOP3   H N N 175 
DT  HOP2   H N N 176 
DT  "H5'"  H N N 177 
DT  "H5''" H N N 178 
DT  "H4'"  H N N 179 
DT  "H3'"  H N N 180 
DT  "HO3'" H N N 181 
DT  "H2'"  H N N 182 
DT  "H2''" H N N 183 
DT  "H1'"  H N N 184 
DT  H3     H N N 185 
DT  H71    H N N 186 
DT  H72    H N N 187 
DT  H73    H N N 188 
DT  H6     H N N 189 
LYS N      N N N 190 
LYS CA     C N S 191 
LYS C      C N N 192 
LYS O      O N N 193 
LYS CB     C N N 194 
LYS CG     C N N 195 
LYS CD     C N N 196 
LYS CE     C N N 197 
LYS NZ     N N N 198 
LYS OXT    O N N 199 
LYS H      H N N 200 
LYS H2     H N N 201 
LYS HA     H N N 202 
LYS HB2    H N N 203 
LYS HB3    H N N 204 
LYS HG2    H N N 205 
LYS HG3    H N N 206 
LYS HD2    H N N 207 
LYS HD3    H N N 208 
LYS HE2    H N N 209 
LYS HE3    H N N 210 
LYS HZ1    H N N 211 
LYS HZ2    H N N 212 
LYS HZ3    H N N 213 
LYS HXT    H N N 214 
TRP N      N N N 215 
TRP CA     C N S 216 
TRP C      C N N 217 
TRP O      O N N 218 
TRP CB     C N N 219 
TRP CG     C Y N 220 
TRP CD1    C Y N 221 
TRP CD2    C Y N 222 
TRP NE1    N Y N 223 
TRP CE2    C Y N 224 
TRP CE3    C Y N 225 
TRP CZ2    C Y N 226 
TRP CZ3    C Y N 227 
TRP CH2    C Y N 228 
TRP OXT    O N N 229 
TRP H      H N N 230 
TRP H2     H N N 231 
TRP HA     H N N 232 
TRP HB2    H N N 233 
TRP HB3    H N N 234 
TRP HD1    H N N 235 
TRP HE1    H N N 236 
TRP HE3    H N N 237 
TRP HZ2    H N N 238 
TRP HZ3    H N N 239 
TRP HH2    H N N 240 
TRP HXT    H N N 241 
# 
loop_
_chem_comp_bond.comp_id 
_chem_comp_bond.atom_id_1 
_chem_comp_bond.atom_id_2 
_chem_comp_bond.value_order 
_chem_comp_bond.pdbx_aromatic_flag 
_chem_comp_bond.pdbx_stereo_config 
_chem_comp_bond.pdbx_ordinal 
0AD P     OP1    sing N N 1   
0AD P     OP2    doub N N 2   
0AD P     "O5'"  sing N N 3   
0AD P     OP3    sing N N 4   
0AD OP1   HP1    sing N N 5   
0AD "O5'" "C5'"  sing N N 6   
0AD "C5'" "C4'"  sing N N 7   
0AD "C5'" "H5'1" sing N N 8   
0AD "C5'" "H5'2" sing N N 9   
0AD "C4'" "O4'"  sing N N 10  
0AD "C4'" "C3'"  sing N N 11  
0AD "C4'" "H4'"  sing N N 12  
0AD "O4'" "C1'"  sing N N 13  
0AD "C3'" "O3'"  sing N N 14  
0AD "C3'" "C2'"  sing N N 15  
0AD "C3'" "H3'"  sing N N 16  
0AD "O3'" HA     sing N N 17  
0AD "C2'" "C1'"  sing N N 18  
0AD "C2'" "H2'1" sing N N 19  
0AD "C2'" "H2'2" sing N N 20  
0AD "C1'" N9     sing N N 21  
0AD "C1'" "H1'"  sing N N 22  
0AD N9    C8     sing Y N 23  
0AD N9    C4     sing Y N 24  
0AD C8    N7     doub Y N 25  
0AD C8    H8     sing N N 26  
0AD N7    C5     sing Y N 27  
0AD C5    C6     sing N N 28  
0AD C5    C4     doub Y N 29  
0AD C6    O6     doub N N 30  
0AD C6    N1     sing N N 31  
0AD N1    C2     sing N N 32  
0AD N1    H1     sing N N 33  
0AD C2    N2     sing N N 34  
0AD C2    N3     doub N N 35  
0AD N2    C4A    sing N N 36  
0AD N2    H2     sing N N 37  
0AD C4A   C5A    sing N N 38  
0AD C4A   H4A1   sing N N 39  
0AD C4A   H4A2   sing N N 40  
0AD C5A   C6A    sing N N 41  
0AD C5A   H5A1   sing N N 42  
0AD C5A   H5A2   sing N N 43  
0AD C4    N3     sing N N 44  
0AD C6A   H17    sing N N 45  
0AD C6A   H18    sing N N 46  
0AD C6A   H19    sing N N 47  
0AD OP3   H20    sing N N 48  
DA  OP3   P      sing N N 49  
DA  OP3   HOP3   sing N N 50  
DA  P     OP1    doub N N 51  
DA  P     OP2    sing N N 52  
DA  P     "O5'"  sing N N 53  
DA  OP2   HOP2   sing N N 54  
DA  "O5'" "C5'"  sing N N 55  
DA  "C5'" "C4'"  sing N N 56  
DA  "C5'" "H5'"  sing N N 57  
DA  "C5'" "H5''" sing N N 58  
DA  "C4'" "O4'"  sing N N 59  
DA  "C4'" "C3'"  sing N N 60  
DA  "C4'" "H4'"  sing N N 61  
DA  "O4'" "C1'"  sing N N 62  
DA  "C3'" "O3'"  sing N N 63  
DA  "C3'" "C2'"  sing N N 64  
DA  "C3'" "H3'"  sing N N 65  
DA  "O3'" "HO3'" sing N N 66  
DA  "C2'" "C1'"  sing N N 67  
DA  "C2'" "H2'"  sing N N 68  
DA  "C2'" "H2''" sing N N 69  
DA  "C1'" N9     sing N N 70  
DA  "C1'" "H1'"  sing N N 71  
DA  N9    C8     sing Y N 72  
DA  N9    C4     sing Y N 73  
DA  C8    N7     doub Y N 74  
DA  C8    H8     sing N N 75  
DA  N7    C5     sing Y N 76  
DA  C5    C6     sing Y N 77  
DA  C5    C4     doub Y N 78  
DA  C6    N6     sing N N 79  
DA  C6    N1     doub Y N 80  
DA  N6    H61    sing N N 81  
DA  N6    H62    sing N N 82  
DA  N1    C2     sing Y N 83  
DA  C2    N3     doub Y N 84  
DA  C2    H2     sing N N 85  
DA  N3    C4     sing Y N 86  
DC  OP3   P      sing N N 87  
DC  OP3   HOP3   sing N N 88  
DC  P     OP1    doub N N 89  
DC  P     OP2    sing N N 90  
DC  P     "O5'"  sing N N 91  
DC  OP2   HOP2   sing N N 92  
DC  "O5'" "C5'"  sing N N 93  
DC  "C5'" "C4'"  sing N N 94  
DC  "C5'" "H5'"  sing N N 95  
DC  "C5'" "H5''" sing N N 96  
DC  "C4'" "O4'"  sing N N 97  
DC  "C4'" "C3'"  sing N N 98  
DC  "C4'" "H4'"  sing N N 99  
DC  "O4'" "C1'"  sing N N 100 
DC  "C3'" "O3'"  sing N N 101 
DC  "C3'" "C2'"  sing N N 102 
DC  "C3'" "H3'"  sing N N 103 
DC  "O3'" "HO3'" sing N N 104 
DC  "C2'" "C1'"  sing N N 105 
DC  "C2'" "H2'"  sing N N 106 
DC  "C2'" "H2''" sing N N 107 
DC  "C1'" N1     sing N N 108 
DC  "C1'" "H1'"  sing N N 109 
DC  N1    C2     sing N N 110 
DC  N1    C6     sing N N 111 
DC  C2    O2     doub N N 112 
DC  C2    N3     sing N N 113 
DC  N3    C4     doub N N 114 
DC  C4    N4     sing N N 115 
DC  C4    C5     sing N N 116 
DC  N4    H41    sing N N 117 
DC  N4    H42    sing N N 118 
DC  C5    C6     doub N N 119 
DC  C5    H5     sing N N 120 
DC  C6    H6     sing N N 121 
DG  OP3   P      sing N N 122 
DG  OP3   HOP3   sing N N 123 
DG  P     OP1    doub N N 124 
DG  P     OP2    sing N N 125 
DG  P     "O5'"  sing N N 126 
DG  OP2   HOP2   sing N N 127 
DG  "O5'" "C5'"  sing N N 128 
DG  "C5'" "C4'"  sing N N 129 
DG  "C5'" "H5'"  sing N N 130 
DG  "C5'" "H5''" sing N N 131 
DG  "C4'" "O4'"  sing N N 132 
DG  "C4'" "C3'"  sing N N 133 
DG  "C4'" "H4'"  sing N N 134 
DG  "O4'" "C1'"  sing N N 135 
DG  "C3'" "O3'"  sing N N 136 
DG  "C3'" "C2'"  sing N N 137 
DG  "C3'" "H3'"  sing N N 138 
DG  "O3'" "HO3'" sing N N 139 
DG  "C2'" "C1'"  sing N N 140 
DG  "C2'" "H2'"  sing N N 141 
DG  "C2'" "H2''" sing N N 142 
DG  "C1'" N9     sing N N 143 
DG  "C1'" "H1'"  sing N N 144 
DG  N9    C8     sing Y N 145 
DG  N9    C4     sing Y N 146 
DG  C8    N7     doub Y N 147 
DG  C8    H8     sing N N 148 
DG  N7    C5     sing Y N 149 
DG  C5    C6     sing N N 150 
DG  C5    C4     doub Y N 151 
DG  C6    O6     doub N N 152 
DG  C6    N1     sing N N 153 
DG  N1    C2     sing N N 154 
DG  N1    H1     sing N N 155 
DG  C2    N2     sing N N 156 
DG  C2    N3     doub N N 157 
DG  N2    H21    sing N N 158 
DG  N2    H22    sing N N 159 
DG  N3    C4     sing N N 160 
DT  OP3   P      sing N N 161 
DT  OP3   HOP3   sing N N 162 
DT  P     OP1    doub N N 163 
DT  P     OP2    sing N N 164 
DT  P     "O5'"  sing N N 165 
DT  OP2   HOP2   sing N N 166 
DT  "O5'" "C5'"  sing N N 167 
DT  "C5'" "C4'"  sing N N 168 
DT  "C5'" "H5'"  sing N N 169 
DT  "C5'" "H5''" sing N N 170 
DT  "C4'" "O4'"  sing N N 171 
DT  "C4'" "C3'"  sing N N 172 
DT  "C4'" "H4'"  sing N N 173 
DT  "O4'" "C1'"  sing N N 174 
DT  "C3'" "O3'"  sing N N 175 
DT  "C3'" "C2'"  sing N N 176 
DT  "C3'" "H3'"  sing N N 177 
DT  "O3'" "HO3'" sing N N 178 
DT  "C2'" "C1'"  sing N N 179 
DT  "C2'" "H2'"  sing N N 180 
DT  "C2'" "H2''" sing N N 181 
DT  "C1'" N1     sing N N 182 
DT  "C1'" "H1'"  sing N N 183 
DT  N1    C2     sing N N 184 
DT  N1    C6     sing N N 185 
DT  C2    O2     doub N N 186 
DT  C2    N3     sing N N 187 
DT  N3    C4     sing N N 188 
DT  N3    H3     sing N N 189 
DT  C4    O4     doub N N 190 
DT  C4    C5     sing N N 191 
DT  C5    C7     sing N N 192 
DT  C5    C6     doub N N 193 
DT  C7    H71    sing N N 194 
DT  C7    H72    sing N N 195 
DT  C7    H73    sing N N 196 
DT  C6    H6     sing N N 197 
LYS N     CA     sing N N 198 
LYS N     H      sing N N 199 
LYS N     H2     sing N N 200 
LYS CA    C      sing N N 201 
LYS CA    CB     sing N N 202 
LYS CA    HA     sing N N 203 
LYS C     O      doub N N 204 
LYS C     OXT    sing N N 205 
LYS CB    CG     sing N N 206 
LYS CB    HB2    sing N N 207 
LYS CB    HB3    sing N N 208 
LYS CG    CD     sing N N 209 
LYS CG    HG2    sing N N 210 
LYS CG    HG3    sing N N 211 
LYS CD    CE     sing N N 212 
LYS CD    HD2    sing N N 213 
LYS CD    HD3    sing N N 214 
LYS CE    NZ     sing N N 215 
LYS CE    HE2    sing N N 216 
LYS CE    HE3    sing N N 217 
LYS NZ    HZ1    sing N N 218 
LYS NZ    HZ2    sing N N 219 
LYS NZ    HZ3    sing N N 220 
LYS OXT   HXT    sing N N 221 
TRP N     CA     sing N N 222 
TRP N     H      sing N N 223 
TRP N     H2     sing N N 224 
TRP CA    C      sing N N 225 
TRP CA    CB     sing N N 226 
TRP CA    HA     sing N N 227 
TRP C     O      doub N N 228 
TRP C     OXT    sing N N 229 
TRP CB    CG     sing N N 230 
TRP CB    HB2    sing N N 231 
TRP CB    HB3    sing N N 232 
TRP CG    CD1    doub Y N 233 
TRP CG    CD2    sing Y N 234 
TRP CD1   NE1    sing Y N 235 
TRP CD1   HD1    sing N N 236 
TRP CD2   CE2    doub Y N 237 
TRP CD2   CE3    sing Y N 238 
TRP NE1   CE2    sing Y N 239 
TRP NE1   HE1    sing N N 240 
TRP CE2   CZ2    sing Y N 241 
TRP CE3   CZ3    doub Y N 242 
TRP CE3   HE3    sing N N 243 
TRP CZ2   CH2    doub Y N 244 
TRP CZ2   HZ2    sing N N 245 
TRP CZ3   CH2    sing Y N 246 
TRP CZ3   HZ3    sing N N 247 
TRP CH2   HH2    sing N N 248 
TRP OXT   HXT    sing N N 249 
# 
_ndb_struct_conf_na.entry_id   2KV6 
_ndb_struct_conf_na.feature    'b-form double helix' 
# 
loop_
_ndb_struct_na_base_pair.model_number 
_ndb_struct_na_base_pair.i_label_asym_id 
_ndb_struct_na_base_pair.i_label_comp_id 
_ndb_struct_na_base_pair.i_label_seq_id 
_ndb_struct_na_base_pair.i_symmetry 
_ndb_struct_na_base_pair.j_label_asym_id 
_ndb_struct_na_base_pair.j_label_comp_id 
_ndb_struct_na_base_pair.j_label_seq_id 
_ndb_struct_na_base_pair.j_symmetry 
_ndb_struct_na_base_pair.shear 
_ndb_struct_na_base_pair.stretch 
_ndb_struct_na_base_pair.stagger 
_ndb_struct_na_base_pair.buckle 
_ndb_struct_na_base_pair.propeller 
_ndb_struct_na_base_pair.opening 
_ndb_struct_na_base_pair.pair_number 
_ndb_struct_na_base_pair.pair_name 
_ndb_struct_na_base_pair.i_auth_asym_id 
_ndb_struct_na_base_pair.i_auth_seq_id 
_ndb_struct_na_base_pair.i_PDB_ins_code 
_ndb_struct_na_base_pair.j_auth_asym_id 
_ndb_struct_na_base_pair.j_auth_seq_id 
_ndb_struct_na_base_pair.j_PDB_ins_code 
_ndb_struct_na_base_pair.hbond_type_28 
_ndb_struct_na_base_pair.hbond_type_12 
1 A DG  1  1_555 B DC 12 1_555 -0.545 -0.139 -0.028 -5.977  -6.375  -0.586 1  A_DG1:DC24_B  A 1  ? B 24 ? 19 1 
1 A DC  2  1_555 B DG 11 1_555 0.422  -0.138 0.147  -3.006  -7.658  -1.299 2  A_DC2:DG23_B  A 2  ? B 23 ? 19 1 
1 A DT  3  1_555 B DA 10 1_555 0.013  -0.028 -0.044 3.885   -13.741 -0.399 3  A_DT3:DA22_B  A 3  ? B 22 ? 20 1 
1 A DA  4  1_555 B DT 9  1_555 0.051  -0.006 -0.112 -6.513  -15.235 -1.549 4  A_DA4:DT21_B  A 4  ? B 21 ? 20 1 
1 A DG  5  1_555 B DC 8  1_555 -0.529 -0.147 0.065  -4.326  -6.593  -0.278 5  A_DG5:DC20_B  A 5  ? B 20 ? 19 1 
1 A DC  6  1_555 B DG 7  1_555 0.370  -0.106 0.068  -2.352  2.457   -1.269 6  A_DC6:DG19_B  A 6  ? B 19 ? 19 1 
1 A 0AD 7  1_555 B DC 6  1_555 0.090  -0.023 -0.003 7.339   -8.173  0.173  7  A_0AD7:DC18_B A 7  ? B 18 ? 19 1 
1 A DA  8  1_555 B DT 5  1_555 0.274  -0.012 -0.182 7.083   -16.715 3.991  8  A_DA8:DT17_B  A 8  ? B 17 ? 20 1 
1 A DG  9  1_555 B DC 4  1_555 -0.615 -0.183 -0.056 -10.472 -19.591 0.841  9  A_DG9:DC16_B  A 9  ? B 16 ? 19 1 
1 A DT  10 1_555 B DA 3  1_555 -0.139 0.035  0.038  -18.534 -14.037 -3.446 10 A_DT10:DA15_B A 10 ? B 15 ? 20 1 
1 A DC  11 1_555 B DG 2  1_555 0.450  -0.157 -0.025 -9.058  -7.207  -0.563 11 A_DC11:DG14_B A 11 ? B 14 ? 19 1 
1 A DC  12 1_555 B DG 1  1_555 0.434  -0.096 -0.125 -3.594  -3.205  0.165  12 A_DC12:DG13_B A 12 ? B 13 ? 19 1 
# 
loop_
_ndb_struct_na_base_pair_step.model_number 
_ndb_struct_na_base_pair_step.i_label_asym_id_1 
_ndb_struct_na_base_pair_step.i_label_comp_id_1 
_ndb_struct_na_base_pair_step.i_label_seq_id_1 
_ndb_struct_na_base_pair_step.i_symmetry_1 
_ndb_struct_na_base_pair_step.j_label_asym_id_1 
_ndb_struct_na_base_pair_step.j_label_comp_id_1 
_ndb_struct_na_base_pair_step.j_label_seq_id_1 
_ndb_struct_na_base_pair_step.j_symmetry_1 
_ndb_struct_na_base_pair_step.i_label_asym_id_2 
_ndb_struct_na_base_pair_step.i_label_comp_id_2 
_ndb_struct_na_base_pair_step.i_label_seq_id_2 
_ndb_struct_na_base_pair_step.i_symmetry_2 
_ndb_struct_na_base_pair_step.j_label_asym_id_2 
_ndb_struct_na_base_pair_step.j_label_comp_id_2 
_ndb_struct_na_base_pair_step.j_label_seq_id_2 
_ndb_struct_na_base_pair_step.j_symmetry_2 
_ndb_struct_na_base_pair_step.shift 
_ndb_struct_na_base_pair_step.slide 
_ndb_struct_na_base_pair_step.rise 
_ndb_struct_na_base_pair_step.tilt 
_ndb_struct_na_base_pair_step.roll 
_ndb_struct_na_base_pair_step.twist 
_ndb_struct_na_base_pair_step.x_displacement 
_ndb_struct_na_base_pair_step.y_displacement 
_ndb_struct_na_base_pair_step.helical_rise 
_ndb_struct_na_base_pair_step.inclination 
_ndb_struct_na_base_pair_step.tip 
_ndb_struct_na_base_pair_step.helical_twist 
_ndb_struct_na_base_pair_step.step_number 
_ndb_struct_na_base_pair_step.step_name 
_ndb_struct_na_base_pair_step.i_auth_asym_id_1 
_ndb_struct_na_base_pair_step.i_auth_seq_id_1 
_ndb_struct_na_base_pair_step.i_PDB_ins_code_1 
_ndb_struct_na_base_pair_step.j_auth_asym_id_1 
_ndb_struct_na_base_pair_step.j_auth_seq_id_1 
_ndb_struct_na_base_pair_step.j_PDB_ins_code_1 
_ndb_struct_na_base_pair_step.i_auth_asym_id_2 
_ndb_struct_na_base_pair_step.i_auth_seq_id_2 
_ndb_struct_na_base_pair_step.i_PDB_ins_code_2 
_ndb_struct_na_base_pair_step.j_auth_asym_id_2 
_ndb_struct_na_base_pair_step.j_auth_seq_id_2 
_ndb_struct_na_base_pair_step.j_PDB_ins_code_2 
1 A DG  1  1_555 B DC 12 1_555 A DC  2  1_555 B DG 11 1_555 -0.810 -0.555 3.283 -2.159 1.475  35.118 -1.139 1.016  3.300 2.440  
3.572  35.212 1  AA_DG1DC2:DG23DC24_BB   A 1  ? B 24 ? A 2  ? B 23 ? 
1 A DC  2  1_555 B DG 11 1_555 A DT  3  1_555 B DA 10 1_555 0.545  -0.195 3.108 2.024  5.722  30.802 -1.383 -0.646 3.052 10.643 
-3.765 31.380 2  AA_DC2DT3:DA22DG23_BB   A 2  ? B 23 ? A 3  ? B 22 ? 
1 A DT  3  1_555 B DA 10 1_555 A DA  4  1_555 B DT 9  1_555 -0.085 -1.212 3.410 -0.798 19.090 29.759 -4.681 0.028  2.253 33.212 
1.388  35.248 3  AA_DT3DA4:DT21DA22_BB   A 3  ? B 22 ? A 4  ? B 21 ? 
1 A DA  4  1_555 B DT 9  1_555 A DG  5  1_555 B DC 8  1_555 0.015  -1.316 3.231 -2.165 5.355  27.403 -3.924 -0.518 2.916 11.147 
4.507  27.994 4  AA_DA4DG5:DC20DT21_BB   A 4  ? B 21 ? A 5  ? B 20 ? 
1 A DG  5  1_555 B DC 8  1_555 A DC  6  1_555 B DG 7  1_555 -0.579 -0.830 3.362 -0.471 3.469  33.885 -1.978 0.913  3.271 5.932  
0.805  34.060 5  AA_DG5DC6:DG19DC20_BB   A 5  ? B 20 ? A 6  ? B 19 ? 
1 A DC  6  1_555 B DG 7  1_555 A 0AD 7  1_555 B DC 6  1_555 0.696  0.064  3.216 2.026  15.326 30.819 -2.282 -0.861 2.958 26.826 
-3.546 34.395 6  AA_DC60AD7:DC18DG19_BB  A 6  ? B 19 ? A 7  ? B 18 ? 
1 A 0AD 7  1_555 B DC 6  1_555 A DA  8  1_555 B DT 5  1_555 -0.712 0.144  3.322 0.106  6.388  36.159 -0.661 1.145  3.296 10.194 
-0.169 36.700 7  AA_0AD7DA8:DT17DC18_BB  A 7  ? B 18 ? A 8  ? B 17 ? 
1 A DA  8  1_555 B DT 5  1_555 A DG  9  1_555 B DC 4  1_555 0.048  -1.305 3.696 -5.387 9.032  29.708 -4.217 -1.169 3.119 16.960 
10.116 31.475 8  AA_DA8DG9:DC16DT17_BB   A 8  ? B 17 ? A 9  ? B 16 ? 
1 A DG  9  1_555 B DC 4  1_555 A DT  10 1_555 B DA 3  1_555 -1.018 -1.130 3.491 0.102  -0.292 35.899 -1.788 1.667  3.497 -0.474 
-0.165 35.900 9  AA_DG9DT10:DA15DC16_BB  A 9  ? B 16 ? A 10 ? B 15 ? 
1 A DT  10 1_555 B DA 3  1_555 A DC  11 1_555 B DG 2  1_555 -0.034 0.373  3.138 -1.292 5.262  38.865 -0.053 -0.098 3.159 7.861  
1.931  39.226 10 AA_DT10DC11:DG14DA15_BB A 10 ? B 15 ? A 11 ? B 14 ? 
1 A DC  11 1_555 B DG 2  1_555 A DC  12 1_555 B DG 1  1_555 0.030  -0.064 3.230 2.390  3.354  28.268 -0.882 0.475  3.192 6.822  
-4.861 28.560 11 AA_DC11DC12:DG13DG14_BB A 11 ? B 14 ? A 12 ? B 13 ? 
# 
_pdbx_nmr_spectrometer.field_strength    800 
_pdbx_nmr_spectrometer.manufacturer      Bruker 
_pdbx_nmr_spectrometer.model             AVANCE 
_pdbx_nmr_spectrometer.spectrometer_id   1 
_pdbx_nmr_spectrometer.type              'Bruker Avance' 
# 
_atom_sites.entry_id                    2KV6 
_atom_sites.fract_transf_matrix[1][1]   1.000000 
_atom_sites.fract_transf_matrix[1][2]   0.000000 
_atom_sites.fract_transf_matrix[1][3]   0.000000 
_atom_sites.fract_transf_matrix[2][1]   0.000000 
_atom_sites.fract_transf_matrix[2][2]   1.000000 
_atom_sites.fract_transf_matrix[2][3]   0.000000 
_atom_sites.fract_transf_matrix[3][1]   0.000000 
_atom_sites.fract_transf_matrix[3][2]   0.000000 
_atom_sites.fract_transf_matrix[3][3]   1.000000 
_atom_sites.fract_transf_vector[1]      0.00000 
_atom_sites.fract_transf_vector[2]      0.00000 
_atom_sites.fract_transf_vector[3]      0.00000 
# 
loop_
_atom_type.symbol 
C 
H 
N 
O 
P 
# 
loop_
_atom_site.group_PDB 
_atom_site.id 
_atom_site.type_symbol 
_atom_site.label_atom_id 
_atom_site.label_alt_id 
_atom_site.label_comp_id 
_atom_site.label_asym_id 
_atom_site.label_entity_id 
_atom_site.label_seq_id 
_atom_site.pdbx_PDB_ins_code 
_atom_site.Cartn_x 
_atom_site.Cartn_y 
_atom_site.Cartn_z 
_atom_site.occupancy 
_atom_site.B_iso_or_equiv 
_atom_site.pdbx_formal_charge 
_atom_site.auth_seq_id 
_atom_site.auth_comp_id 
_atom_site.auth_asym_id 
_atom_site.auth_atom_id 
_atom_site.pdbx_PDB_model_num 
ATOM   1   O "O5'"  . DG  A 1 1  ? 1.520   -20.705 10.052 1.00 0.00 ? 1  DG  A "O5'"  1 
ATOM   2   C "C5'"  . DG  A 1 1  ? 1.601   -21.776 10.996 1.00 0.00 ? 1  DG  A "C5'"  1 
ATOM   3   C "C4'"  . DG  A 1 1  ? 3.023   -22.344 11.189 1.00 0.00 ? 1  DG  A "C4'"  1 
ATOM   4   O "O4'"  . DG  A 1 1  ? 3.447   -23.041 10.016 1.00 0.00 ? 1  DG  A "O4'"  1 
ATOM   5   C "C3'"  . DG  A 1 1  ? 4.083   -21.278 11.516 1.00 0.00 ? 1  DG  A "C3'"  1 
ATOM   6   O "O3'"  . DG  A 1 1  ? 4.996   -21.790 12.485 1.00 0.00 ? 1  DG  A "O3'"  1 
ATOM   7   C "C2'"  . DG  A 1 1  ? 4.722   -21.042 10.151 1.00 0.00 ? 1  DG  A "C2'"  1 
ATOM   8   C "C1'"  . DG  A 1 1  ? 4.594   -22.403 9.468  1.00 0.00 ? 1  DG  A "C1'"  1 
ATOM   9   N N9     . DG  A 1 1  ? 4.448   -22.280 7.998  1.00 0.00 ? 1  DG  A N9     1 
ATOM   10  C C8     . DG  A 1 1  ? 3.488   -21.593 7.294  1.00 0.00 ? 1  DG  A C8     1 
ATOM   11  N N7     . DG  A 1 1  ? 3.609   -21.672 5.995  1.00 0.00 ? 1  DG  A N7     1 
ATOM   12  C C5     . DG  A 1 1  ? 4.750   -22.471 5.822  1.00 0.00 ? 1  DG  A C5     1 
ATOM   13  C C6     . DG  A 1 1  ? 5.410   -22.945 4.632  1.00 0.00 ? 1  DG  A C6     1 
ATOM   14  O O6     . DG  A 1 1  ? 5.103   -22.774 3.451  1.00 0.00 ? 1  DG  A O6     1 
ATOM   15  N N1     . DG  A 1 1  ? 6.533   -23.705 4.891  1.00 0.00 ? 1  DG  A N1     1 
ATOM   16  C C2     . DG  A 1 1  ? 6.970   -24.003 6.139  1.00 0.00 ? 1  DG  A C2     1 
ATOM   17  N N2     . DG  A 1 1  ? 8.042   -24.740 6.233  1.00 0.00 ? 1  DG  A N2     1 
ATOM   18  N N3     . DG  A 1 1  ? 6.384   -23.611 7.268  1.00 0.00 ? 1  DG  A N3     1 
ATOM   19  C C4     . DG  A 1 1  ? 5.274   -22.840 7.046  1.00 0.00 ? 1  DG  A C4     1 
ATOM   20  H "H5'"  . DG  A 1 1  ? 0.946   -22.592 10.680 1.00 0.00 ? 1  DG  A "H5'"  1 
ATOM   21  H "H5''" . DG  A 1 1  ? 1.246   -21.421 11.966 1.00 0.00 ? 1  DG  A "H5''" 1 
ATOM   22  H "H4'"  . DG  A 1 1  ? 2.979   -23.053 12.019 1.00 0.00 ? 1  DG  A "H4'"  1 
ATOM   23  H "H3'"  . DG  A 1 1  ? 3.610   -20.366 11.884 1.00 0.00 ? 1  DG  A "H3'"  1 
ATOM   24  H "H2'"  . DG  A 1 1  ? 4.158   -20.278 9.615  1.00 0.00 ? 1  DG  A "H2'"  1 
ATOM   25  H "H2''" . DG  A 1 1  ? 5.759   -20.738 10.233 1.00 0.00 ? 1  DG  A "H2''" 1 
ATOM   26  H "H1'"  . DG  A 1 1  ? 5.482   -22.998 9.701  1.00 0.00 ? 1  DG  A "H1'"  1 
ATOM   27  H H8     . DG  A 1 1  ? 2.692   -21.048 7.789  1.00 0.00 ? 1  DG  A H8     1 
ATOM   28  H H1     . DG  A 1 1  ? 7.039   -24.061 4.095  1.00 0.00 ? 1  DG  A H1     1 
ATOM   29  H H21    . DG  A 1 1  ? 8.382   -24.969 7.152  1.00 0.00 ? 1  DG  A H21    1 
ATOM   30  H H22    . DG  A 1 1  ? 8.527   -25.044 5.391  1.00 0.00 ? 1  DG  A H22    1 
ATOM   31  H "HO5'" . DG  A 1 1  ? 0.591   -20.404 9.980  1.00 0.00 ? 1  DG  A "HO5'" 1 
ATOM   32  P P      . DC  A 1 2  ? 6.201   -20.912 13.109 1.00 0.00 ? 2  DC  A P      1 
ATOM   33  O OP1    . DC  A 1 2  ? 6.441   -21.395 14.491 1.00 0.00 ? 2  DC  A OP1    1 
ATOM   34  O OP2    . DC  A 1 2  ? 5.911   -19.473 12.897 1.00 0.00 ? 2  DC  A OP2    1 
ATOM   35  O "O5'"  . DC  A 1 2  ? 7.473   -21.309 12.198 1.00 0.00 ? 2  DC  A "O5'"  1 
ATOM   36  C "C5'"  . DC  A 1 2  ? 8.048   -22.611 12.266 1.00 0.00 ? 2  DC  A "C5'"  1 
ATOM   37  C "C4'"  . DC  A 1 2  ? 9.268   -22.778 11.346 1.00 0.00 ? 2  DC  A "C4'"  1 
ATOM   38  O "O4'"  . DC  A 1 2  ? 8.858   -22.743 9.984  1.00 0.00 ? 2  DC  A "O4'"  1 
ATOM   39  C "C3'"  . DC  A 1 2  ? 10.355  -21.712 11.568 1.00 0.00 ? 2  DC  A "C3'"  1 
ATOM   40  O "O3'"  . DC  A 1 2  ? 11.591  -22.338 11.906 1.00 0.00 ? 2  DC  A "O3'"  1 
ATOM   41  C "C2'"  . DC  A 1 2  ? 10.394  -20.976 10.229 1.00 0.00 ? 2  DC  A "C2'"  1 
ATOM   42  C "C1'"  . DC  A 1 2  ? 9.784   -21.973 9.240  1.00 0.00 ? 2  DC  A "C1'"  1 
ATOM   43  N N1     . DC  A 1 2  ? 9.062   -21.320 8.112  1.00 0.00 ? 2  DC  A N1     1 
ATOM   44  C C2     . DC  A 1 2  ? 9.445   -21.589 6.791  1.00 0.00 ? 2  DC  A C2     1 
ATOM   45  O O2     . DC  A 1 2  ? 10.442  -22.259 6.517  1.00 0.00 ? 2  DC  A O2     1 
ATOM   46  N N3     . DC  A 1 2  ? 8.727   -21.102 5.750  1.00 0.00 ? 2  DC  A N3     1 
ATOM   47  C C4     . DC  A 1 2  ? 7.676   -20.352 6.007  1.00 0.00 ? 2  DC  A C4     1 
ATOM   48  N N4     . DC  A 1 2  ? 7.002   -19.951 4.971  1.00 0.00 ? 2  DC  A N4     1 
ATOM   49  C C5     . DC  A 1 2  ? 7.260   -20.005 7.320  1.00 0.00 ? 2  DC  A C5     1 
ATOM   50  C C6     . DC  A 1 2  ? 7.981   -20.508 8.354  1.00 0.00 ? 2  DC  A C6     1 
ATOM   51  H "H5'"  . DC  A 1 2  ? 7.300   -23.357 11.993 1.00 0.00 ? 2  DC  A "H5'"  1 
ATOM   52  H "H5''" . DC  A 1 2  ? 8.370   -22.811 13.290 1.00 0.00 ? 2  DC  A "H5''" 1 
ATOM   53  H "H4'"  . DC  A 1 2  ? 9.706   -23.759 11.544 1.00 0.00 ? 2  DC  A "H4'"  1 
ATOM   54  H "H3'"  . DC  A 1 2  ? 10.052  -21.025 12.363 1.00 0.00 ? 2  DC  A "H3'"  1 
ATOM   55  H "H2'"  . DC  A 1 2  ? 9.794   -20.070 10.305 1.00 0.00 ? 2  DC  A "H2'"  1 
ATOM   56  H "H2''" . DC  A 1 2  ? 11.406  -20.720 9.928  1.00 0.00 ? 2  DC  A "H2''" 1 
ATOM   57  H "H1'"  . DC  A 1 2  ? 10.582  -22.624 8.866  1.00 0.00 ? 2  DC  A "H1'"  1 
ATOM   58  H H41    . DC  A 1 2  ? 6.193   -19.369 5.094  1.00 0.00 ? 2  DC  A H41    1 
ATOM   59  H H42    . DC  A 1 2  ? 7.329   -20.244 4.056  1.00 0.00 ? 2  DC  A H42    1 
ATOM   60  H H5     . DC  A 1 2  ? 6.402   -19.378 7.512  1.00 0.00 ? 2  DC  A H5     1 
ATOM   61  H H6     . DC  A 1 2  ? 7.706   -20.294 9.380  1.00 0.00 ? 2  DC  A H6     1 
ATOM   62  P P      . DT  A 1 3  ? 12.885  -21.508 12.406 1.00 0.00 ? 3  DT  A P      1 
ATOM   63  O OP1    . DT  A 1 3  ? 13.752  -22.438 13.174 1.00 0.00 ? 3  DT  A OP1    1 
ATOM   64  O OP2    . DT  A 1 3  ? 12.434  -20.252 13.057 1.00 0.00 ? 3  DT  A OP2    1 
ATOM   65  O "O5'"  . DT  A 1 3  ? 13.641  -21.120 11.039 1.00 0.00 ? 3  DT  A "O5'"  1 
ATOM   66  C "C5'"  . DT  A 1 3  ? 14.215  -22.127 10.210 1.00 0.00 ? 3  DT  A "C5'"  1 
ATOM   67  C "C4'"  . DT  A 1 3  ? 14.618  -21.589 8.830  1.00 0.00 ? 3  DT  A "C4'"  1 
ATOM   68  O "O4'"  . DT  A 1 3  ? 13.455  -21.221 8.097  1.00 0.00 ? 3  DT  A "O4'"  1 
ATOM   69  C "C3'"  . DT  A 1 3  ? 15.563  -20.372 8.883  1.00 0.00 ? 3  DT  A "C3'"  1 
ATOM   70  O "O3'"  . DT  A 1 3  ? 16.744  -20.655 8.138  1.00 0.00 ? 3  DT  A "O3'"  1 
ATOM   71  C "C2'"  . DT  A 1 3  ? 14.710  -19.264 8.261  1.00 0.00 ? 3  DT  A "C2'"  1 
ATOM   72  C "C1'"  . DT  A 1 3  ? 13.769  -20.058 7.356  1.00 0.00 ? 3  DT  A "C1'"  1 
ATOM   73  N N1     . DT  A 1 3  ? 12.520  -19.343 6.962  1.00 0.00 ? 3  DT  A N1     1 
ATOM   74  C C2     . DT  A 1 3  ? 12.162  -19.355 5.606  1.00 0.00 ? 3  DT  A C2     1 
ATOM   75  O O2     . DT  A 1 3  ? 12.827  -19.889 4.718  1.00 0.00 ? 3  DT  A O2     1 
ATOM   76  N N3     . DT  A 1 3  ? 10.998  -18.709 5.267  1.00 0.00 ? 3  DT  A N3     1 
ATOM   77  C C4     . DT  A 1 3  ? 10.188  -18.002 6.122  1.00 0.00 ? 3  DT  A C4     1 
ATOM   78  O O4     . DT  A 1 3  ? 9.201   -17.432 5.661  1.00 0.00 ? 3  DT  A O4     1 
ATOM   79  C C5     . DT  A 1 3  ? 10.610  -18.023 7.523  1.00 0.00 ? 3  DT  A C5     1 
ATOM   80  C C7     . DT  A 1 3  ? 9.788   -17.301 8.578  1.00 0.00 ? 3  DT  A C7     1 
ATOM   81  C C6     . DT  A 1 3  ? 11.739  -18.685 7.894  1.00 0.00 ? 3  DT  A C6     1 
ATOM   82  H "H5'"  . DT  A 1 3  ? 13.494  -22.933 10.062 1.00 0.00 ? 3  DT  A "H5'"  1 
ATOM   83  H "H5''" . DT  A 1 3  ? 15.097  -22.541 10.701 1.00 0.00 ? 3  DT  A "H5''" 1 
ATOM   84  H "H4'"  . DT  A 1 3  ? 15.124  -22.393 8.292  1.00 0.00 ? 3  DT  A "H4'"  1 
ATOM   85  H "H3'"  . DT  A 1 3  ? 15.816  -20.123 9.917  1.00 0.00 ? 3  DT  A "H3'"  1 
ATOM   86  H "H2'"  . DT  A 1 3  ? 14.173  -18.754 9.059  1.00 0.00 ? 3  DT  A "H2'"  1 
ATOM   87  H "H2''" . DT  A 1 3  ? 15.295  -18.545 7.691  1.00 0.00 ? 3  DT  A "H2''" 1 
ATOM   88  H "H1'"  . DT  A 1 3  ? 14.332  -20.348 6.464  1.00 0.00 ? 3  DT  A "H1'"  1 
ATOM   89  H H3     . DT  A 1 3  ? 10.755  -18.703 4.288  1.00 0.00 ? 3  DT  A H3     1 
ATOM   90  H H71    . DT  A 1 3  ? 10.221  -17.426 9.571  1.00 0.00 ? 3  DT  A H71    1 
ATOM   91  H H72    . DT  A 1 3  ? 9.747   -16.239 8.335  1.00 0.00 ? 3  DT  A H72    1 
ATOM   92  H H73    . DT  A 1 3  ? 8.771   -17.691 8.575  1.00 0.00 ? 3  DT  A H73    1 
ATOM   93  H H6     . DT  A 1 3  ? 12.028  -18.698 8.936  1.00 0.00 ? 3  DT  A H6     1 
ATOM   94  P P      . DA  A 1 4  ? 17.987  -19.629 8.045  1.00 0.00 ? 4  DA  A P      1 
ATOM   95  O OP1    . DA  A 1 4  ? 19.223  -20.424 7.845  1.00 0.00 ? 4  DA  A OP1    1 
ATOM   96  O OP2    . DA  A 1 4  ? 17.922  -18.680 9.186  1.00 0.00 ? 4  DA  A OP2    1 
ATOM   97  O "O5'"  . DA  A 1 4  ? 17.679  -18.810 6.693  1.00 0.00 ? 4  DA  A "O5'"  1 
ATOM   98  C "C5'"  . DA  A 1 4  ? 17.784  -19.432 5.417  1.00 0.00 ? 4  DA  A "C5'"  1 
ATOM   99  C "C4'"  . DA  A 1 4  ? 17.417  -18.487 4.264  1.00 0.00 ? 4  DA  A "C4'"  1 
ATOM   100 O "O4'"  . DA  A 1 4  ? 16.010  -18.271 4.216  1.00 0.00 ? 4  DA  A "O4'"  1 
ATOM   101 C "C3'"  . DA  A 1 4  ? 18.110  -17.113 4.336  1.00 0.00 ? 4  DA  A "C3'"  1 
ATOM   102 O "O3'"  . DA  A 1 4  ? 18.898  -16.925 3.164  1.00 0.00 ? 4  DA  A "O3'"  1 
ATOM   103 C "C2'"  . DA  A 1 4  ? 16.923  -16.151 4.442  1.00 0.00 ? 4  DA  A "C2'"  1 
ATOM   104 C "C1'"  . DA  A 1 4  ? 15.805  -16.944 3.773  1.00 0.00 ? 4  DA  A "C1'"  1 
ATOM   105 N N9     . DA  A 1 4  ? 14.450  -16.486 4.152  1.00 0.00 ? 4  DA  A N9     1 
ATOM   106 C C8     . DA  A 1 4  ? 13.909  -16.352 5.410  1.00 0.00 ? 4  DA  A C8     1 
ATOM   107 N N7     . DA  A 1 4  ? 12.667  -15.936 5.423  1.00 0.00 ? 4  DA  A N7     1 
ATOM   108 C C5     . DA  A 1 4  ? 12.379  -15.771 4.055  1.00 0.00 ? 4  DA  A C5     1 
ATOM   109 C C6     . DA  A 1 4  ? 11.247  -15.360 3.310  1.00 0.00 ? 4  DA  A C6     1 
ATOM   110 N N6     . DA  A 1 4  ? 10.075  -15.048 3.827  1.00 0.00 ? 4  DA  A N6     1 
ATOM   111 N N1     . DA  A 1 4  ? 11.284  -15.278 1.977  1.00 0.00 ? 4  DA  A N1     1 
ATOM   112 C C2     . DA  A 1 4  ? 12.410  -15.620 1.365  1.00 0.00 ? 4  DA  A C2     1 
ATOM   113 N N3     . DA  A 1 4  ? 13.540  -16.047 1.916  1.00 0.00 ? 4  DA  A N3     1 
ATOM   114 C C4     . DA  A 1 4  ? 13.460  -16.096 3.279  1.00 0.00 ? 4  DA  A C4     1 
ATOM   115 H "H5'"  . DA  A 1 4  ? 17.128  -20.303 5.375  1.00 0.00 ? 4  DA  A "H5'"  1 
ATOM   116 H "H5''" . DA  A 1 4  ? 18.811  -19.769 5.265  1.00 0.00 ? 4  DA  A "H5''" 1 
ATOM   117 H "H4'"  . DA  A 1 4  ? 17.717  -18.971 3.330  1.00 0.00 ? 4  DA  A "H4'"  1 
ATOM   118 H "H3'"  . DA  A 1 4  ? 18.738  -17.037 5.228  1.00 0.00 ? 4  DA  A "H3'"  1 
ATOM   119 H "H2'"  . DA  A 1 4  ? 16.698  -15.979 5.496  1.00 0.00 ? 4  DA  A "H2'"  1 
ATOM   120 H "H2''" . DA  A 1 4  ? 17.094  -15.201 3.935  1.00 0.00 ? 4  DA  A "H2''" 1 
ATOM   121 H "H1'"  . DA  A 1 4  ? 15.927  -16.886 2.686  1.00 0.00 ? 4  DA  A "H1'"  1 
ATOM   122 H H8     . DA  A 1 4  ? 14.466  -16.590 6.309  1.00 0.00 ? 4  DA  A H8     1 
ATOM   123 H H61    . DA  A 1 4  ? 9.933   -15.159 4.818  1.00 0.00 ? 4  DA  A H61    1 
ATOM   124 H H62    . DA  A 1 4  ? 9.300   -14.850 3.204  1.00 0.00 ? 4  DA  A H62    1 
ATOM   125 H H2     . DA  A 1 4  ? 12.406  -15.546 0.285  1.00 0.00 ? 4  DA  A H2     1 
ATOM   126 P P      . DG  A 1 5  ? 19.807  -15.616 2.919  1.00 0.00 ? 5  DG  A P      1 
ATOM   127 O OP1    . DG  A 1 5  ? 20.954  -16.008 2.062  1.00 0.00 ? 5  DG  A OP1    1 
ATOM   128 O OP2    . DG  A 1 5  ? 20.079  -14.955 4.221  1.00 0.00 ? 5  DG  A OP2    1 
ATOM   129 O "O5'"  . DG  A 1 5  ? 18.826  -14.669 2.063  1.00 0.00 ? 5  DG  A "O5'"  1 
ATOM   130 C "C5'"  . DG  A 1 5  ? 18.411  -15.042 0.755  1.00 0.00 ? 5  DG  A "C5'"  1 
ATOM   131 C "C4'"  . DG  A 1 5  ? 17.499  -13.998 0.095  1.00 0.00 ? 5  DG  A "C4'"  1 
ATOM   132 O "O4'"  . DG  A 1 5  ? 16.203  -14.018 0.680  1.00 0.00 ? 5  DG  A "O4'"  1 
ATOM   133 C "C3'"  . DG  A 1 5  ? 18.040  -12.558 0.181  1.00 0.00 ? 5  DG  A "C3'"  1 
ATOM   134 O "O3'"  . DG  A 1 5  ? 18.258  -12.057 -1.134 1.00 0.00 ? 5  DG  A "O3'"  1 
ATOM   135 C "C2'"  . DG  A 1 5  ? 16.927  -11.826 0.936  1.00 0.00 ? 5  DG  A "C2'"  1 
ATOM   136 C "C1'"  . DG  A 1 5  ? 15.704  -12.694 0.645  1.00 0.00 ? 5  DG  A "C1'"  1 
ATOM   137 N N9     . DG  A 1 5  ? 14.611  -12.535 1.632  1.00 0.00 ? 5  DG  A N9     1 
ATOM   138 C C8     . DG  A 1 5  ? 14.643  -12.752 2.989  1.00 0.00 ? 5  DG  A C8     1 
ATOM   139 N N7     . DG  A 1 5  ? 13.495  -12.573 3.590  1.00 0.00 ? 5  DG  A N7     1 
ATOM   140 C C5     . DG  A 1 5  ? 12.633  -12.197 2.548  1.00 0.00 ? 5  DG  A C5     1 
ATOM   141 C C6     . DG  A 1 5  ? 11.229  -11.866 2.535  1.00 0.00 ? 5  DG  A C6     1 
ATOM   142 O O6     . DG  A 1 5  ? 10.423  -11.841 3.466  1.00 0.00 ? 5  DG  A O6     1 
ATOM   143 N N1     . DG  A 1 5  ? 10.756  -11.527 1.283  1.00 0.00 ? 5  DG  A N1     1 
ATOM   144 C C2     . DG  A 1 5  ? 11.524  -11.497 0.169  1.00 0.00 ? 5  DG  A C2     1 
ATOM   145 N N2     . DG  A 1 5  ? 10.954  -11.107 -0.937 1.00 0.00 ? 5  DG  A N2     1 
ATOM   146 N N3     . DG  A 1 5  ? 12.817  -11.806 0.125  1.00 0.00 ? 5  DG  A N3     1 
ATOM   147 C C4     . DG  A 1 5  ? 13.318  -12.155 1.350  1.00 0.00 ? 5  DG  A C4     1 
ATOM   148 H "H5'"  . DG  A 1 5  ? 17.878  -15.994 0.794  1.00 0.00 ? 5  DG  A "H5'"  1 
ATOM   149 H "H5''" . DG  A 1 5  ? 19.291  -15.170 0.121  1.00 0.00 ? 5  DG  A "H5''" 1 
ATOM   150 H "H4'"  . DG  A 1 5  ? 17.397  -14.263 -0.960 1.00 0.00 ? 5  DG  A "H4'"  1 
ATOM   151 H "H3'"  . DG  A 1 5  ? 18.969  -12.527 0.755  1.00 0.00 ? 5  DG  A "H3'"  1 
ATOM   152 H "H2'"  . DG  A 1 5  ? 17.154  -11.829 2.004  1.00 0.00 ? 5  DG  A "H2'"  1 
ATOM   153 H "H2''" . DG  A 1 5  ? 16.783  -10.807 0.580  1.00 0.00 ? 5  DG  A "H2''" 1 
ATOM   154 H "H1'"  . DG  A 1 5  ? 15.332  -12.459 -0.357 1.00 0.00 ? 5  DG  A "H1'"  1 
ATOM   155 H H8     . DG  A 1 5  ? 15.546  -13.064 3.502  1.00 0.00 ? 5  DG  A H8     1 
ATOM   156 H H1     . DG  A 1 5  ? 9.780   -11.281 1.214  1.00 0.00 ? 5  DG  A H1     1 
ATOM   157 H H21    . DG  A 1 5  ? 11.509  -11.092 -1.775 1.00 0.00 ? 5  DG  A H21    1 
ATOM   158 H H22    . DG  A 1 5  ? 9.966   -10.868 -0.946 1.00 0.00 ? 5  DG  A H22    1 
ATOM   159 P P      . DC  A 1 6  ? 18.968  -10.635 -1.422 1.00 0.00 ? 6  DC  A P      1 
ATOM   160 O OP1    . DC  A 1 6  ? 19.749  -10.766 -2.677 1.00 0.00 ? 6  DC  A OP1    1 
ATOM   161 O OP2    . DC  A 1 6  ? 19.662  -10.175 -0.194 1.00 0.00 ? 6  DC  A OP2    1 
ATOM   162 O "O5'"  . DC  A 1 6  ? 17.718  -9.653  -1.692 1.00 0.00 ? 6  DC  A "O5'"  1 
ATOM   163 C "C5'"  . DC  A 1 6  ? 16.940  -9.772  -2.880 1.00 0.00 ? 6  DC  A "C5'"  1 
ATOM   164 C "C4'"  . DC  A 1 6  ? 15.758  -8.793  -2.923 1.00 0.00 ? 6  DC  A "C4'"  1 
ATOM   165 O "O4'"  . DC  A 1 6  ? 14.801  -9.127  -1.928 1.00 0.00 ? 6  DC  A "O4'"  1 
ATOM   166 C "C3'"  . DC  A 1 6  ? 16.168  -7.323  -2.733 1.00 0.00 ? 6  DC  A "C3'"  1 
ATOM   167 O "O3'"  . DC  A 1 6  ? 15.932  -6.599  -3.938 1.00 0.00 ? 6  DC  A "O3'"  1 
ATOM   168 C "C2'"  . DC  A 1 6  ? 15.290  -6.862  -1.566 1.00 0.00 ? 6  DC  A "C2'"  1 
ATOM   169 C "C1'"  . DC  A 1 6  ? 14.200  -7.933  -1.465 1.00 0.00 ? 6  DC  A "C1'"  1 
ATOM   170 N N1     . DC  A 1 6  ? 13.710  -8.148  -0.074 1.00 0.00 ? 6  DC  A N1     1 
ATOM   171 C C2     . DC  A 1 6  ? 12.362  -7.919  0.236  1.00 0.00 ? 6  DC  A C2     1 
ATOM   172 O O2     . DC  A 1 6  ? 11.563  -7.466  -0.585 1.00 0.00 ? 6  DC  A O2     1 
ATOM   173 N N3     . DC  A 1 6  ? 11.877  -8.189  1.473  1.00 0.00 ? 6  DC  A N3     1 
ATOM   174 C C4     . DC  A 1 6  ? 12.709  -8.663  2.379  1.00 0.00 ? 6  DC  A C4     1 
ATOM   175 N N4     . DC  A 1 6  ? 12.183  -8.965  3.528  1.00 0.00 ? 6  DC  A N4     1 
ATOM   176 C C5     . DC  A 1 6  ? 14.088  -8.899  2.139  1.00 0.00 ? 6  DC  A C5     1 
ATOM   177 C C6     . DC  A 1 6  ? 14.559  -8.626  0.895  1.00 0.00 ? 6  DC  A C6     1 
ATOM   178 H "H5'"  . DC  A 1 6  ? 16.552  -10.789 -2.963 1.00 0.00 ? 6  DC  A "H5'"  1 
ATOM   179 H "H5''" . DC  A 1 6  ? 17.575  -9.578  -3.746 1.00 0.00 ? 6  DC  A "H5''" 1 
ATOM   180 H "H4'"  . DC  A 1 6  ? 15.279  -8.888  -3.898 1.00 0.00 ? 6  DC  A "H4'"  1 
ATOM   181 H "H3'"  . DC  A 1 6  ? 17.222  -7.261  -2.452 1.00 0.00 ? 6  DC  A "H3'"  1 
ATOM   182 H "H2'"  . DC  A 1 6  ? 15.894  -6.828  -0.659 1.00 0.00 ? 6  DC  A "H2'"  1 
ATOM   183 H "H2''" . DC  A 1 6  ? 14.844  -5.886  -1.746 1.00 0.00 ? 6  DC  A "H2''" 1 
ATOM   184 H "H1'"  . DC  A 1 6  ? 13.373  -7.658  -2.131 1.00 0.00 ? 6  DC  A "H1'"  1 
ATOM   185 H H41    . DC  A 1 6  ? 12.762  -9.328  4.262  1.00 0.00 ? 6  DC  A H41    1 
ATOM   186 H H42    . DC  A 1 6  ? 11.193  -8.791  3.659  1.00 0.00 ? 6  DC  A H42    1 
ATOM   187 H H5     . DC  A 1 6  ? 14.754  -9.287  2.895  1.00 0.00 ? 6  DC  A H5     1 
ATOM   188 H H6     . DC  A 1 6  ? 15.600  -8.798  0.645  1.00 0.00 ? 6  DC  A H6     1 
HETATM 189 P P      . 0AD A 1 7  ? 16.528  -5.120  -4.200 1.00 0.00 ? 7  0AD A P      1 
HETATM 190 O OP1    . 0AD A 1 7  ? 17.801  -4.970  -3.452 1.00 0.00 ? 7  0AD A OP1    1 
HETATM 191 O OP2    . 0AD A 1 7  ? 16.532  -4.888  -5.667 1.00 0.00 ? 7  0AD A OP2    1 
HETATM 192 O "O5'"  . 0AD A 1 7  ? 15.439  -4.138  -3.536 1.00 0.00 ? 7  0AD A "O5'"  1 
HETATM 193 C "C5'"  . 0AD A 1 7  ? 14.136  -4.004  -4.093 1.00 0.00 ? 7  0AD A "C5'"  1 
HETATM 194 C "C4'"  . 0AD A 1 7  ? 13.186  -3.200  -3.196 1.00 0.00 ? 7  0AD A "C4'"  1 
HETATM 195 O "O4'"  . 0AD A 1 7  ? 12.888  -3.945  -2.018 1.00 0.00 ? 7  0AD A "O4'"  1 
HETATM 196 C "C3'"  . 0AD A 1 7  ? 13.739  -1.828  -2.768 1.00 0.00 ? 7  0AD A "C3'"  1 
HETATM 197 O "O3'"  . 0AD A 1 7  ? 12.710  -0.858  -2.926 1.00 0.00 ? 7  0AD A "O3'"  1 
HETATM 198 C "C2'"  . 0AD A 1 7  ? 14.088  -2.072  -1.300 1.00 0.00 ? 7  0AD A "C2'"  1 
HETATM 199 C "C1'"  . 0AD A 1 7  ? 13.007  -3.076  -0.907 1.00 0.00 ? 7  0AD A "C1'"  1 
HETATM 200 N N9     . 0AD A 1 7  ? 13.296  -3.843  0.327  1.00 0.00 ? 7  0AD A N9     1 
HETATM 201 C C8     . 0AD A 1 7  ? 14.486  -4.354  0.786  1.00 0.00 ? 7  0AD A C8     1 
HETATM 202 N N7     . 0AD A 1 7  ? 14.390  -5.006  1.918  1.00 0.00 ? 7  0AD A N7     1 
HETATM 203 C C5     . 0AD A 1 7  ? 13.031  -4.897  2.245  1.00 0.00 ? 7  0AD A C5     1 
HETATM 204 C C6     . 0AD A 1 7  ? 12.271  -5.365  3.376  1.00 0.00 ? 7  0AD A C6     1 
HETATM 205 O O6     . 0AD A 1 7  ? 12.639  -5.991  4.369  1.00 0.00 ? 7  0AD A O6     1 
HETATM 206 N N1     . 0AD A 1 7  ? 10.933  -5.034  3.321  1.00 0.00 ? 7  0AD A N1     1 
HETATM 207 C C2     . 0AD A 1 7  ? 10.359  -4.288  2.334  1.00 0.00 ? 7  0AD A C2     1 
HETATM 208 N N2     . 0AD A 1 7  ? 9.078   -3.978  2.521  1.00 0.00 ? 7  0AD A N2     1 
HETATM 209 C C4A    . 0AD A 1 7  ? 8.226   -3.078  1.725  1.00 0.00 ? 7  0AD A C4A    1 
HETATM 210 C C5A    . 0AD A 1 7  ? 6.982   -3.821  1.229  1.00 0.00 ? 7  0AD A C5A    1 
HETATM 211 N N3     . 0AD A 1 7  ? 11.040  -3.830  1.272  1.00 0.00 ? 7  0AD A N3     1 
HETATM 212 C C4     . 0AD A 1 7  ? 12.363  -4.175  1.280  1.00 0.00 ? 7  0AD A C4     1 
HETATM 213 C C6A    . 0AD A 1 7  ? 5.935   -2.868  0.636  1.00 0.00 ? 7  0AD A C6A    1 
HETATM 214 H "H5'1" . 0AD A 1 7  ? 13.703  -4.993  -4.249 1.00 0.00 ? 7  0AD A "H5'1" 1 
HETATM 215 H "H5'2" . 0AD A 1 7  ? 14.207  -3.508  -5.062 1.00 0.00 ? 7  0AD A "H5'2" 1 
HETATM 216 H "H4'"  . 0AD A 1 7  ? 12.259  -3.040  -3.751 1.00 0.00 ? 7  0AD A "H4'"  1 
HETATM 217 H "H3'"  . 0AD A 1 7  ? 14.625  -1.558  -3.348 1.00 0.00 ? 7  0AD A "H3'"  1 
HETATM 218 H "H1'"  . 0AD A 1 7  ? 12.065  -2.532  -0.777 1.00 0.00 ? 7  0AD A "H1'"  1 
HETATM 219 H "H2'1" . 0AD A 1 7  ? 15.081  -2.515  -1.231 1.00 0.00 ? 7  0AD A "H2'1" 1 
HETATM 220 H "H2'2" . 0AD A 1 7  ? 14.028  -1.168  -0.697 1.00 0.00 ? 7  0AD A "H2'2" 1 
HETATM 221 H H8     . 0AD A 1 7  ? 15.418  -4.239  0.244  1.00 0.00 ? 7  0AD A H8     1 
HETATM 222 H H1     . 0AD A 1 7  ? 10.372  -5.290  4.121  1.00 0.00 ? 7  0AD A H1     1 
HETATM 223 H H2     . 0AD A 1 7  ? 8.654   -4.322  3.375  1.00 0.00 ? 7  0AD A H2     1 
HETATM 224 H H4A1   . 0AD A 1 7  ? 8.765   -2.654  0.875  1.00 0.00 ? 7  0AD A H4A1   1 
HETATM 225 H H4A2   . 0AD A 1 7  ? 7.907   -2.262  2.374  1.00 0.00 ? 7  0AD A H4A2   1 
HETATM 226 H H5A1   . 0AD A 1 7  ? 7.295   -4.528  0.459  1.00 0.00 ? 7  0AD A H5A1   1 
HETATM 227 H H5A2   . 0AD A 1 7  ? 6.532   -4.367  2.062  1.00 0.00 ? 7  0AD A H5A2   1 
HETATM 228 H H17    . 0AD A 1 7  ? 5.587   -2.190  1.423  1.00 0.00 ? 7  0AD A H17    1 
HETATM 229 H H19    . 0AD A 1 7  ? 6.406   -2.283  -0.162 1.00 0.00 ? 7  0AD A H19    1 
ATOM   230 P P      . DA  A 1 8  ? 12.961  0.734   -2.840 1.00 0.00 ? 8  DA  A P      1 
ATOM   231 O OP1    . DA  A 1 8  ? 12.675  1.320   -4.173 1.00 0.00 ? 8  DA  A OP1    1 
ATOM   232 O OP2    . DA  A 1 8  ? 14.270  1.006   -2.198 1.00 0.00 ? 8  DA  A OP2    1 
ATOM   233 O "O5'"  . DA  A 1 8  ? 11.804  1.180   -1.812 1.00 0.00 ? 8  DA  A "O5'"  1 
ATOM   234 C "C5'"  . DA  A 1 8  ? 10.430  1.045   -2.161 1.00 0.00 ? 8  DA  A "C5'"  1 
ATOM   235 C "C4'"  . DA  A 1 8  ? 9.446   1.425   -1.040 1.00 0.00 ? 8  DA  A "C4'"  1 
ATOM   236 O "O4'"  . DA  A 1 8  ? 9.530   0.490   0.032  1.00 0.00 ? 8  DA  A "O4'"  1 
ATOM   237 C "C3'"  . DA  A 1 8  ? 9.663   2.830   -0.460 1.00 0.00 ? 8  DA  A "C3'"  1 
ATOM   238 O "O3'"  . DA  A 1 8  ? 8.392   3.388   -0.129 1.00 0.00 ? 8  DA  A "O3'"  1 
ATOM   239 C "C2'"  . DA  A 1 8  ? 10.548  2.530   0.749  1.00 0.00 ? 8  DA  A "C2'"  1 
ATOM   240 C "C1'"  . DA  A 1 8  ? 10.068  1.141   1.175  1.00 0.00 ? 8  DA  A "C1'"  1 
ATOM   241 N N9     . DA  A 1 8  ? 11.126  0.289   1.770  1.00 0.00 ? 8  DA  A N9     1 
ATOM   242 C C8     . DA  A 1 8  ? 12.446  0.136   1.411  1.00 0.00 ? 8  DA  A C8     1 
ATOM   243 N N7     . DA  A 1 8  ? 13.135  -0.667  2.187  1.00 0.00 ? 8  DA  A N7     1 
ATOM   244 C C5     . DA  A 1 8  ? 12.183  -1.061  3.143  1.00 0.00 ? 8  DA  A C5     1 
ATOM   245 C C6     . DA  A 1 8  ? 12.189  -1.883  4.296  1.00 0.00 ? 8  DA  A C6     1 
ATOM   246 N N6     . DA  A 1 8  ? 13.226  -2.545  4.772  1.00 0.00 ? 8  DA  A N6     1 
ATOM   247 N N1     . DA  A 1 8  ? 11.081  -2.072  5.013  1.00 0.00 ? 8  DA  A N1     1 
ATOM   248 C C2     . DA  A 1 8  ? 9.966   -1.465  4.629  1.00 0.00 ? 8  DA  A C2     1 
ATOM   249 N N3     . DA  A 1 8  ? 9.795   -0.671  3.580  1.00 0.00 ? 8  DA  A N3     1 
ATOM   250 C C4     . DA  A 1 8  ? 10.955  -0.503  2.879  1.00 0.00 ? 8  DA  A C4     1 
ATOM   251 H "H5'"  . DA  A 1 8  ? 10.230  0.010   -2.447 1.00 0.00 ? 8  DA  A "H5'"  1 
ATOM   252 H "H5''" . DA  A 1 8  ? 10.218  1.677   -3.026 1.00 0.00 ? 8  DA  A "H5''" 1 
ATOM   253 H "H4'"  . DA  A 1 8  ? 8.442   1.375   -1.464 1.00 0.00 ? 8  DA  A "H4'"  1 
ATOM   254 H "H3'"  . DA  A 1 8  ? 10.187  3.470   -1.174 1.00 0.00 ? 8  DA  A "H3'"  1 
ATOM   255 H "H2'"  . DA  A 1 8  ? 11.593  2.517   0.437  1.00 0.00 ? 8  DA  A "H2'"  1 
ATOM   256 H "H2''" . DA  A 1 8  ? 10.419  3.255   1.551  1.00 0.00 ? 8  DA  A "H2''" 1 
ATOM   257 H "H1'"  . DA  A 1 8  ? 9.268   1.281   1.909  1.00 0.00 ? 8  DA  A "H1'"  1 
ATOM   258 H H8     . DA  A 1 8  ? 12.872  0.636   0.550  1.00 0.00 ? 8  DA  A H8     1 
ATOM   259 H H61    . DA  A 1 8  ? 14.126  -2.447  4.319  1.00 0.00 ? 8  DA  A H61    1 
ATOM   260 H H62    . DA  A 1 8  ? 13.099  -3.120  5.603  1.00 0.00 ? 8  DA  A H62    1 
ATOM   261 H H2     . DA  A 1 8  ? 9.088   -1.649  5.237  1.00 0.00 ? 8  DA  A H2     1 
ATOM   262 P P      . DG  A 1 9  ? 8.209   4.850   0.534  1.00 0.00 ? 9  DG  A P      1 
ATOM   263 O OP1    . DG  A 1 9  ? 6.879   5.370   0.122  1.00 0.00 ? 9  DG  A OP1    1 
ATOM   264 O OP2    . DG  A 1 9  ? 9.413   5.669   0.247  1.00 0.00 ? 9  DG  A OP2    1 
ATOM   265 O "O5'"  . DG  A 1 9  ? 8.176   4.537   2.114  1.00 0.00 ? 9  DG  A "O5'"  1 
ATOM   266 C "C5'"  . DG  A 1 9  ? 7.094   3.801   2.673  1.00 0.00 ? 9  DG  A "C5'"  1 
ATOM   267 C "C4'"  . DG  A 1 9  ? 7.303   3.411   4.143  1.00 0.00 ? 9  DG  A "C4'"  1 
ATOM   268 O "O4'"  . DG  A 1 9  ? 8.373   2.482   4.278  1.00 0.00 ? 9  DG  A "O4'"  1 
ATOM   269 C "C3'"  . DG  A 1 9  ? 7.590   4.609   5.066  1.00 0.00 ? 9  DG  A "C3'"  1 
ATOM   270 O "O3'"  . DG  A 1 9  ? 6.583   4.684   6.073  1.00 0.00 ? 9  DG  A "O3'"  1 
ATOM   271 C "C2'"  . DG  A 1 9  ? 8.972   4.267   5.627  1.00 0.00 ? 9  DG  A "C2'"  1 
ATOM   272 C "C1'"  . DG  A 1 9  ? 8.987   2.747   5.526  1.00 0.00 ? 9  DG  A "C1'"  1 
ATOM   273 N N9     . DG  A 1 9  ? 10.353  2.187   5.577  1.00 0.00 ? 9  DG  A N9     1 
ATOM   274 C C8     . DG  A 1 9  ? 11.353  2.285   4.644  1.00 0.00 ? 9  DG  A C8     1 
ATOM   275 N N7     . DG  A 1 9  ? 12.458  1.668   4.972  1.00 0.00 ? 9  DG  A N7     1 
ATOM   276 C C5     . DG  A 1 9  ? 12.174  1.141   6.240  1.00 0.00 ? 9  DG  A C5     1 
ATOM   277 C C6     . DG  A 1 9  ? 12.972  0.363   7.156  1.00 0.00 ? 9  DG  A C6     1 
ATOM   278 O O6     . DG  A 1 9  ? 14.117  -0.071  7.021  1.00 0.00 ? 9  DG  A O6     1 
ATOM   279 N N1     . DG  A 1 9  ? 12.326  0.086   8.342  1.00 0.00 ? 9  DG  A N1     1 
ATOM   280 C C2     . DG  A 1 9  ? 11.058  0.471   8.623  1.00 0.00 ? 9  DG  A C2     1 
ATOM   281 N N2     . DG  A 1 9  ? 10.594  0.181   9.806  1.00 0.00 ? 9  DG  A N2     1 
ATOM   282 N N3     . DG  A 1 9  ? 10.276  1.166   7.803  1.00 0.00 ? 9  DG  A N3     1 
ATOM   283 C C4     . DG  A 1 9  ? 10.892  1.474   6.622  1.00 0.00 ? 9  DG  A C4     1 
ATOM   284 H "H5'"  . DG  A 1 9  ? 6.952   2.881   2.099  1.00 0.00 ? 9  DG  A "H5'"  1 
ATOM   285 H "H5''" . DG  A 1 9  ? 6.173   4.391   2.601  1.00 0.00 ? 9  DG  A "H5''" 1 
ATOM   286 H "H4'"  . DG  A 1 9  ? 6.387   2.926   4.494  1.00 0.00 ? 9  DG  A "H4'"  1 
ATOM   287 H "H3'"  . DG  A 1 9  ? 7.629   5.539   4.492  1.00 0.00 ? 9  DG  A "H3'"  1 
ATOM   288 H "H2'"  . DG  A 1 9  ? 9.740   4.699   4.984  1.00 0.00 ? 9  DG  A "H2'"  1 
ATOM   289 H "H2''" . DG  A 1 9  ? 9.101   4.598   6.655  1.00 0.00 ? 9  DG  A "H2''" 1 
ATOM   290 H "H1'"  . DG  A 1 9  ? 8.382   2.326   6.333  1.00 0.00 ? 9  DG  A "H1'"  1 
ATOM   291 H H8     . DG  A 1 9  ? 11.217  2.816   3.710  1.00 0.00 ? 9  DG  A H8     1 
ATOM   292 H H1     . DG  A 1 9  ? 12.838  -0.447  9.030  1.00 0.00 ? 9  DG  A H1     1 
ATOM   293 H H21    . DG  A 1 9  ? 9.663   0.490   10.030 1.00 0.00 ? 9  DG  A H21    1 
ATOM   294 H H22    . DG  A 1 9  ? 11.185  -0.293  10.486 1.00 0.00 ? 9  DG  A H22    1 
ATOM   295 P P      . DT  A 1 10 ? 6.494   5.893   7.139  1.00 0.00 ? 10 DT  A P      1 
ATOM   296 O OP1    . DT  A 1 10 ? 5.059   6.131   7.432  1.00 0.00 ? 10 DT  A OP1    1 
ATOM   297 O OP2    . DT  A 1 10 ? 7.319   7.028   6.656  1.00 0.00 ? 10 DT  A OP2    1 
ATOM   298 O "O5'"  . DT  A 1 10 ? 7.197   5.293   8.462  1.00 0.00 ? 10 DT  A "O5'"  1 
ATOM   299 C "C5'"  . DT  A 1 10 ? 6.585   4.243   9.209  1.00 0.00 ? 10 DT  A "C5'"  1 
ATOM   300 C "C4'"  . DT  A 1 10 ? 7.330   3.916   10.514 1.00 0.00 ? 10 DT  A "C4'"  1 
ATOM   301 O "O4'"  . DT  A 1 10 ? 8.560   3.262   10.221 1.00 0.00 ? 10 DT  A "O4'"  1 
ATOM   302 C "C3'"  . DT  A 1 10 ? 7.621   5.155   11.381 1.00 0.00 ? 10 DT  A "C3'"  1 
ATOM   303 O "O3'"  . DT  A 1 10 ? 7.078   4.997   12.690 1.00 0.00 ? 10 DT  A "O3'"  1 
ATOM   304 C "C2'"  . DT  A 1 10 ? 9.147   5.213   11.383 1.00 0.00 ? 10 DT  A "C2'"  1 
ATOM   305 C "C1'"  . DT  A 1 10 ? 9.559   3.771   11.085 1.00 0.00 ? 10 DT  A "C1'"  1 
ATOM   306 N N1     . DT  A 1 10 ? 10.892  3.669   10.428 1.00 0.00 ? 10 DT  A N1     1 
ATOM   307 C C2     . DT  A 1 10 ? 11.909  2.956   11.080 1.00 0.00 ? 10 DT  A C2     1 
ATOM   308 O O2     . DT  A 1 10 ? 11.798  2.473   12.206 1.00 0.00 ? 10 DT  A O2     1 
ATOM   309 N N3     . DT  A 1 10 ? 13.099  2.816   10.403 1.00 0.00 ? 10 DT  A N3     1 
ATOM   310 C C4     . DT  A 1 10 ? 13.392  3.361   9.172  1.00 0.00 ? 10 DT  A C4     1 
ATOM   311 O O4     . DT  A 1 10 ? 14.497  3.146   8.680  1.00 0.00 ? 10 DT  A O4     1 
ATOM   312 C C5     . DT  A 1 10 ? 12.315  4.146   8.572  1.00 0.00 ? 10 DT  A C5     1 
ATOM   313 C C7     . DT  A 1 10 ? 12.529  4.835   7.235  1.00 0.00 ? 10 DT  A C7     1 
ATOM   314 C C6     . DT  A 1 10 ? 11.115  4.264   9.201  1.00 0.00 ? 10 DT  A C6     1 
ATOM   315 H "H5'"  . DT  A 1 10 ? 6.533   3.341   8.597  1.00 0.00 ? 10 DT  A "H5'"  1 
ATOM   316 H "H5''" . DT  A 1 10 ? 5.566   4.534   9.471  1.00 0.00 ? 10 DT  A "H5''" 1 
ATOM   317 H "H4'"  . DT  A 1 10 ? 6.708   3.232   11.094 1.00 0.00 ? 10 DT  A "H4'"  1 
ATOM   318 H "H3'"  . DT  A 1 10 ? 7.212   6.053   10.911 1.00 0.00 ? 10 DT  A "H3'"  1 
ATOM   319 H "H2'"  . DT  A 1 10 ? 9.481   5.894   10.600 1.00 0.00 ? 10 DT  A "H2'"  1 
ATOM   320 H "H2''" . DT  A 1 10 ? 9.537   5.530   12.345 1.00 0.00 ? 10 DT  A "H2''" 1 
ATOM   321 H "H1'"  . DT  A 1 10 ? 9.545   3.207   12.023 1.00 0.00 ? 10 DT  A "H1'"  1 
ATOM   322 H H3     . DT  A 1 10 ? 13.829  2.292   10.864 1.00 0.00 ? 10 DT  A H3     1 
ATOM   323 H H71    . DT  A 1 10 ? 12.823  4.098   6.487  1.00 0.00 ? 10 DT  A H71    1 
ATOM   324 H H72    . DT  A 1 10 ? 11.627  5.348   6.903  1.00 0.00 ? 10 DT  A H72    1 
ATOM   325 H H73    . DT  A 1 10 ? 13.340  5.559   7.331  1.00 0.00 ? 10 DT  A H73    1 
ATOM   326 H H6     . DT  A 1 10 ? 10.310  4.820   8.736  1.00 0.00 ? 10 DT  A H6     1 
ATOM   327 P P      . DC  A 1 11 ? 7.051   6.201   13.774 1.00 0.00 ? 11 DC  A P      1 
ATOM   328 O OP1    . DC  A 1 11 ? 5.823   6.048   14.594 1.00 0.00 ? 11 DC  A OP1    1 
ATOM   329 O OP2    . DC  A 1 11 ? 7.283   7.490   13.077 1.00 0.00 ? 11 DC  A OP2    1 
ATOM   330 O "O5'"  . DC  A 1 11 ? 8.331   5.915   14.712 1.00 0.00 ? 11 DC  A "O5'"  1 
ATOM   331 C "C5'"  . DC  A 1 11 ? 8.336   4.848   15.657 1.00 0.00 ? 11 DC  A "C5'"  1 
ATOM   332 C "C4'"  . DC  A 1 11 ? 9.693   4.702   16.362 1.00 0.00 ? 11 DC  A "C4'"  1 
ATOM   333 O "O4'"  . DC  A 1 11 ? 10.670  4.323   15.401 1.00 0.00 ? 11 DC  A "O4'"  1 
ATOM   334 C "C3'"  . DC  A 1 11 ? 10.159  5.979   17.082 1.00 0.00 ? 11 DC  A "C3'"  1 
ATOM   335 O "O3'"  . DC  A 1 11 ? 10.132  5.803   18.499 1.00 0.00 ? 11 DC  A "O3'"  1 
ATOM   336 C "C2'"  . DC  A 1 11 ? 11.575  6.198   16.541 1.00 0.00 ? 11 DC  A "C2'"  1 
ATOM   337 C "C1'"  . DC  A 1 11 ? 11.896  4.960   15.701 1.00 0.00 ? 11 DC  A "C1'"  1 
ATOM   338 N N1     . DC  A 1 11 ? 12.572  5.298   14.418 1.00 0.00 ? 11 DC  A N1     1 
ATOM   339 C C2     . DC  A 1 11 ? 13.834  4.757   14.139 1.00 0.00 ? 11 DC  A C2     1 
ATOM   340 O O2     . DC  A 1 11 ? 14.457  4.082   14.962 1.00 0.00 ? 11 DC  A O2     1 
ATOM   341 N N3     . DC  A 1 11 ? 14.436  4.985   12.947 1.00 0.00 ? 11 DC  A N3     1 
ATOM   342 C C4     . DC  A 1 11 ? 13.820  5.748   12.069 1.00 0.00 ? 11 DC  A C4     1 
ATOM   343 N N4     . DC  A 1 11 ? 14.436  5.920   10.937 1.00 0.00 ? 11 DC  A N4     1 
ATOM   344 C C5     . DC  A 1 11 ? 12.558  6.357   12.300 1.00 0.00 ? 11 DC  A C5     1 
ATOM   345 C C6     . DC  A 1 11 ? 11.959  6.111   13.495 1.00 0.00 ? 11 DC  A C6     1 
ATOM   346 H "H5'"  . DC  A 1 11 ? 8.109   3.909   15.148 1.00 0.00 ? 11 DC  A "H5'"  1 
ATOM   347 H "H5''" . DC  A 1 11 ? 7.569   5.023   16.413 1.00 0.00 ? 11 DC  A "H5''" 1 
ATOM   348 H "H4'"  . DC  A 1 11 ? 9.612   3.903   17.104 1.00 0.00 ? 11 DC  A "H4'"  1 
ATOM   349 H "H3'"  . DC  A 1 11 ? 9.524   6.820   16.793 1.00 0.00 ? 11 DC  A "H3'"  1 
ATOM   350 H "H2'"  . DC  A 1 11 ? 11.598  7.114   15.950 1.00 0.00 ? 11 DC  A "H2'"  1 
ATOM   351 H "H2''" . DC  A 1 11 ? 12.307  6.270   17.342 1.00 0.00 ? 11 DC  A "H2''" 1 
ATOM   352 H "H1'"  . DC  A 1 11 ? 12.517  4.284   16.299 1.00 0.00 ? 11 DC  A "H1'"  1 
ATOM   353 H H41    . DC  A 1 11 ? 14.035  6.512   10.231 1.00 0.00 ? 11 DC  A H41    1 
ATOM   354 H H42    . DC  A 1 11 ? 15.327  5.443   10.819 1.00 0.00 ? 11 DC  A H42    1 
ATOM   355 H H5     . DC  A 1 11 ? 12.070  6.986   11.570 1.00 0.00 ? 11 DC  A H5     1 
ATOM   356 H H6     . DC  A 1 11 ? 10.987  6.537   13.732 1.00 0.00 ? 11 DC  A H6     1 
ATOM   357 P P      . DC  A 1 12 ? 10.384  7.022   19.535 1.00 0.00 ? 12 DC  A P      1 
ATOM   358 O OP1    . DC  A 1 12 ? 9.850   6.609   20.859 1.00 0.00 ? 12 DC  A OP1    1 
ATOM   359 O OP2    . DC  A 1 12 ? 9.881   8.280   18.926 1.00 0.00 ? 12 DC  A OP2    1 
ATOM   360 O "O5'"  . DC  A 1 12 ? 11.991  7.129   19.648 1.00 0.00 ? 12 DC  A "O5'"  1 
ATOM   361 C "C5'"  . DC  A 1 12 ? 12.754  6.102   20.271 1.00 0.00 ? 12 DC  A "C5'"  1 
ATOM   362 C "C4'"  . DC  A 1 12 ? 14.263  6.223   19.995 1.00 0.00 ? 12 DC  A "C4'"  1 
ATOM   363 O "O4'"  . DC  A 1 12 ? 14.543  5.915   18.638 1.00 0.00 ? 12 DC  A "O4'"  1 
ATOM   364 C "C3'"  . DC  A 1 12 ? 14.868  7.611   20.252 1.00 0.00 ? 12 DC  A "C3'"  1 
ATOM   365 O "O3'"  . DC  A 1 12 ? 15.310  7.787   21.597 1.00 0.00 ? 12 DC  A "O3'"  1 
ATOM   366 C "C2'"  . DC  A 1 12 ? 16.066  7.620   19.302 1.00 0.00 ? 12 DC  A "C2'"  1 
ATOM   367 C "C1'"  . DC  A 1 12 ? 15.780  6.507   18.282 1.00 0.00 ? 12 DC  A "C1'"  1 
ATOM   368 N N1     . DC  A 1 12 ? 15.694  7.020   16.884 1.00 0.00 ? 12 DC  A N1     1 
ATOM   369 C C2     . DC  A 1 12 ? 16.711  6.703   15.975 1.00 0.00 ? 12 DC  A C2     1 
ATOM   370 O O2     . DC  A 1 12 ? 17.685  6.016   16.293 1.00 0.00 ? 12 DC  A O2     1 
ATOM   371 N N3     . DC  A 1 12 ? 16.677  7.165   14.701 1.00 0.00 ? 12 DC  A N3     1 
ATOM   372 C C4     . DC  A 1 12 ? 15.664  7.926   14.341 1.00 0.00 ? 12 DC  A C4     1 
ATOM   373 N N4     . DC  A 1 12 ? 15.694  8.355   13.114 1.00 0.00 ? 12 DC  A N4     1 
ATOM   374 C C5     . DC  A 1 12 ? 14.607  8.299   15.216 1.00 0.00 ? 12 DC  A C5     1 
ATOM   375 C C6     . DC  A 1 12 ? 14.658  7.833   16.491 1.00 0.00 ? 12 DC  A C6     1 
ATOM   376 H "H5'"  . DC  A 1 12 ? 12.423  5.129   19.900 1.00 0.00 ? 12 DC  A "H5'"  1 
ATOM   377 H "H5''" . DC  A 1 12 ? 12.588  6.128   21.350 1.00 0.00 ? 12 DC  A "H5''" 1 
ATOM   378 H "H4'"  . DC  A 1 12 ? 14.787  5.500   20.622 1.00 0.00 ? 12 DC  A "H4'"  1 
ATOM   379 H "H3'"  . DC  A 1 12 ? 14.162  8.391   19.956 1.00 0.00 ? 12 DC  A "H3'"  1 
ATOM   380 H "HO3'" . DC  A 1 12 ? 14.532  7.878   22.185 1.00 0.00 ? 12 DC  A "HO3'" 1 
ATOM   381 H "H2'"  . DC  A 1 12 ? 16.164  8.598   18.825 1.00 0.00 ? 12 DC  A "H2'"  1 
ATOM   382 H "H2''" . DC  A 1 12 ? 16.988  7.384   19.838 1.00 0.00 ? 12 DC  A "H2''" 1 
ATOM   383 H "H1'"  . DC  A 1 12 ? 16.572  5.754   18.357 1.00 0.00 ? 12 DC  A "H1'"  1 
ATOM   384 H H41    . DC  A 1 12 ? 14.959  8.948   12.771 1.00 0.00 ? 12 DC  A H41    1 
ATOM   385 H H42    . DC  A 1 12 ? 16.463  8.045   12.527 1.00 0.00 ? 12 DC  A H42    1 
ATOM   386 H H5     . DC  A 1 12 ? 13.791  8.933   14.903 1.00 0.00 ? 12 DC  A H5     1 
ATOM   387 H H6     . DC  A 1 12 ? 13.885  8.091   17.210 1.00 0.00 ? 12 DC  A H6     1 
ATOM   388 O "O5'"  . DG  B 2 1  ? 25.354  7.545   9.382  1.00 0.00 ? 13 DG  B "O5'"  1 
ATOM   389 C "C5'"  . DG  B 2 1  ? 25.077  6.232   8.901  1.00 0.00 ? 13 DG  B "C5'"  1 
ATOM   390 C "C4'"  . DG  B 2 1  ? 25.244  5.178   10.012 1.00 0.00 ? 13 DG  B "C4'"  1 
ATOM   391 O "O4'"  . DG  B 2 1  ? 24.234  5.342   11.006 1.00 0.00 ? 13 DG  B "O4'"  1 
ATOM   392 C "C3'"  . DG  B 2 1  ? 25.083  3.749   9.475  1.00 0.00 ? 13 DG  B "C3'"  1 
ATOM   393 O "O3'"  . DG  B 2 1  ? 25.859  2.850   10.266 1.00 0.00 ? 13 DG  B "O3'"  1 
ATOM   394 C "C2'"  . DG  B 2 1  ? 23.572  3.542   9.587  1.00 0.00 ? 13 DG  B "C2'"  1 
ATOM   395 C "C1'"  . DG  B 2 1  ? 23.160  4.440   10.764 1.00 0.00 ? 13 DG  B "C1'"  1 
ATOM   396 N N9     . DG  B 2 1  ? 21.896  5.204   10.569 1.00 0.00 ? 13 DG  B N9     1 
ATOM   397 C C8     . DG  B 2 1  ? 21.373  5.769   9.426  1.00 0.00 ? 13 DG  B C8     1 
ATOM   398 N N7     . DG  B 2 1  ? 20.266  6.442   9.610  1.00 0.00 ? 13 DG  B N7     1 
ATOM   399 C C5     . DG  B 2 1  ? 20.011  6.286   10.980 1.00 0.00 ? 13 DG  B C5     1 
ATOM   400 C C6     . DG  B 2 1  ? 18.943  6.775   11.819 1.00 0.00 ? 13 DG  B C6     1 
ATOM   401 O O6     . DG  B 2 1  ? 17.980  7.491   11.530 1.00 0.00 ? 13 DG  B O6     1 
ATOM   402 N N1     . DG  B 2 1  ? 19.043  6.363   13.132 1.00 0.00 ? 13 DG  B N1     1 
ATOM   403 C C2     . DG  B 2 1  ? 20.059  5.604   13.610 1.00 0.00 ? 13 DG  B C2     1 
ATOM   404 N N2     . DG  B 2 1  ? 20.023  5.288   14.874 1.00 0.00 ? 13 DG  B N2     1 
ATOM   405 N N3     . DG  B 2 1  ? 21.076  5.148   12.884 1.00 0.00 ? 13 DG  B N3     1 
ATOM   406 C C4     . DG  B 2 1  ? 20.998  5.519   11.568 1.00 0.00 ? 13 DG  B C4     1 
ATOM   407 H "H5'"  . DG  B 2 1  ? 25.771  6.000   8.091  1.00 0.00 ? 13 DG  B "H5'"  1 
ATOM   408 H "H5''" . DG  B 2 1  ? 24.064  6.189   8.500  1.00 0.00 ? 13 DG  B "H5''" 1 
ATOM   409 H "H4'"  . DG  B 2 1  ? 26.235  5.293   10.456 1.00 0.00 ? 13 DG  B "H4'"  1 
ATOM   410 H "H3'"  . DG  B 2 1  ? 25.404  3.695   8.431  1.00 0.00 ? 13 DG  B "H3'"  1 
ATOM   411 H "H2'"  . DG  B 2 1  ? 23.098  3.855   8.657  1.00 0.00 ? 13 DG  B "H2'"  1 
ATOM   412 H "H2''" . DG  B 2 1  ? 23.315  2.503   9.786  1.00 0.00 ? 13 DG  B "H2''" 1 
ATOM   413 H "H1'"  . DG  B 2 1  ? 23.042  3.804   11.647 1.00 0.00 ? 13 DG  B "H1'"  1 
ATOM   414 H H8     . DG  B 2 1  ? 21.852  5.686   8.458  1.00 0.00 ? 13 DG  B H8     1 
ATOM   415 H H1     . DG  B 2 1  ? 18.303  6.641   13.759 1.00 0.00 ? 13 DG  B H1     1 
ATOM   416 H H21    . DG  B 2 1  ? 20.759  4.706   15.236 1.00 0.00 ? 13 DG  B H21    1 
ATOM   417 H H22    . DG  B 2 1  ? 19.225  5.557   15.447 1.00 0.00 ? 13 DG  B H22    1 
ATOM   418 H "HO5'" . DG  B 2 1  ? 24.760  7.742   10.137 1.00 0.00 ? 13 DG  B "HO5'" 1 
ATOM   419 P P      . DG  B 2 2  ? 26.007  1.278   9.921  1.00 0.00 ? 14 DG  B P      1 
ATOM   420 O OP1    . DG  B 2 2  ? 27.300  0.809   10.481 1.00 0.00 ? 14 DG  B OP1    1 
ATOM   421 O OP2    . DG  B 2 2  ? 25.736  1.072   8.477  1.00 0.00 ? 14 DG  B OP2    1 
ATOM   422 O "O5'"  . DG  B 2 2  ? 24.810  0.603   10.761 1.00 0.00 ? 14 DG  B "O5'"  1 
ATOM   423 C "C5'"  . DG  B 2 2  ? 24.850  0.549   12.184 1.00 0.00 ? 14 DG  B "C5'"  1 
ATOM   424 C "C4'"  . DG  B 2 2  ? 23.472  0.273   12.797 1.00 0.00 ? 14 DG  B "C4'"  1 
ATOM   425 O "O4'"  . DG  B 2 2  ? 22.589  1.343   12.499 1.00 0.00 ? 14 DG  B "O4'"  1 
ATOM   426 C "C3'"  . DG  B 2 2  ? 22.797  -1.024  12.321 1.00 0.00 ? 14 DG  B "C3'"  1 
ATOM   427 O "O3'"  . DG  B 2 2  ? 23.020  -2.083  13.252 1.00 0.00 ? 14 DG  B "O3'"  1 
ATOM   428 C "C2'"  . DG  B 2 2  ? 21.323  -0.621  12.221 1.00 0.00 ? 14 DG  B "C2'"  1 
ATOM   429 C "C1'"  . DG  B 2 2  ? 21.276  0.844   12.650 1.00 0.00 ? 14 DG  B "C1'"  1 
ATOM   430 N N9     . DG  B 2 2  ? 20.336  1.646   11.840 1.00 0.00 ? 14 DG  B N9     1 
ATOM   431 C C8     . DG  B 2 2  ? 20.386  1.929   10.497 1.00 0.00 ? 14 DG  B C8     1 
ATOM   432 N N7     . DG  B 2 2  ? 19.436  2.725   10.082 1.00 0.00 ? 14 DG  B N7     1 
ATOM   433 C C5     . DG  B 2 2  ? 18.680  2.960   11.240 1.00 0.00 ? 14 DG  B C5     1 
ATOM   434 C C6     . DG  B 2 2  ? 17.496  3.750   11.464 1.00 0.00 ? 14 DG  B C6     1 
ATOM   435 O O6     . DG  B 2 2  ? 16.867  4.453   10.671 1.00 0.00 ? 14 DG  B O6     1 
ATOM   436 N N1     . DG  B 2 2  ? 17.039  3.696   12.764 1.00 0.00 ? 14 DG  B N1     1 
ATOM   437 C C2     . DG  B 2 2  ? 17.627  2.968   13.745 1.00 0.00 ? 14 DG  B C2     1 
ATOM   438 N N2     . DG  B 2 2  ? 17.053  2.967   14.915 1.00 0.00 ? 14 DG  B N2     1 
ATOM   439 N N3     . DG  B 2 2  ? 18.729  2.240   13.595 1.00 0.00 ? 14 DG  B N3     1 
ATOM   440 C C4     . DG  B 2 2  ? 19.212  2.279   12.314 1.00 0.00 ? 14 DG  B C4     1 
ATOM   441 H "H5'"  . DG  B 2 2  ? 25.204  1.505   12.576 1.00 0.00 ? 14 DG  B "H5'"  1 
ATOM   442 H "H5''" . DG  B 2 2  ? 25.545  -0.230  12.503 1.00 0.00 ? 14 DG  B "H5''" 1 
ATOM   443 H "H4'"  . DG  B 2 2  ? 23.586  0.216   13.882 1.00 0.00 ? 14 DG  B "H4'"  1 
ATOM   444 H "H3'"  . DG  B 2 2  ? 23.172  -1.295  11.331 1.00 0.00 ? 14 DG  B "H3'"  1 
ATOM   445 H "H2'"  . DG  B 2 2  ? 20.985  -0.745  11.191 1.00 0.00 ? 14 DG  B "H2'"  1 
ATOM   446 H "H2''" . DG  B 2 2  ? 20.697  -1.200  12.896 1.00 0.00 ? 14 DG  B "H2''" 1 
ATOM   447 H "H1'"  . DG  B 2 2  ? 20.982  0.896   13.704 1.00 0.00 ? 14 DG  B "H1'"  1 
ATOM   448 H H8     . DG  B 2 2  ? 21.163  1.536   9.850  1.00 0.00 ? 14 DG  B H8     1 
ATOM   449 H H1     . DG  B 2 2  ? 16.176  4.177   12.966 1.00 0.00 ? 14 DG  B H1     1 
ATOM   450 H H21    . DG  B 2 2  ? 17.472  2.421   15.648 1.00 0.00 ? 14 DG  B H21    1 
ATOM   451 H H22    . DG  B 2 2  ? 16.166  3.447   15.049 1.00 0.00 ? 14 DG  B H22    1 
ATOM   452 P P      . DA  B 2 3  ? 22.473  -3.589  13.020 1.00 0.00 ? 15 DA  B P      1 
ATOM   453 O OP1    . DA  B 2 3  ? 23.357  -4.511  13.775 1.00 0.00 ? 15 DA  B OP1    1 
ATOM   454 O OP2    . DA  B 2 3  ? 22.283  -3.815  11.566 1.00 0.00 ? 15 DA  B OP2    1 
ATOM   455 O "O5'"  . DA  B 2 3  ? 21.019  -3.596  13.718 1.00 0.00 ? 15 DA  B "O5'"  1 
ATOM   456 C "C5'"  . DA  B 2 3  ? 20.877  -3.376  15.119 1.00 0.00 ? 15 DA  B "C5'"  1 
ATOM   457 C "C4'"  . DA  B 2 3  ? 19.416  -3.256  15.588 1.00 0.00 ? 15 DA  B "C4'"  1 
ATOM   458 O "O4'"  . DA  B 2 3  ? 18.800  -2.127  14.968 1.00 0.00 ? 15 DA  B "O4'"  1 
ATOM   459 C "C3'"  . DA  B 2 3  ? 18.559  -4.499  15.295 1.00 0.00 ? 15 DA  B "C3'"  1 
ATOM   460 O "O3'"  . DA  B 2 3  ? 17.699  -4.759  16.405 1.00 0.00 ? 15 DA  B "O3'"  1 
ATOM   461 C "C2'"  . DA  B 2 3  ? 17.818  -4.068  14.031 1.00 0.00 ? 15 DA  B "C2'"  1 
ATOM   462 C "C1'"  . DA  B 2 3  ? 17.672  -2.555  14.220 1.00 0.00 ? 15 DA  B "C1'"  1 
ATOM   463 N N9     . DA  B 2 3  ? 17.601  -1.811  12.938 1.00 0.00 ? 15 DA  B N9     1 
ATOM   464 C C8     . DA  B 2 3  ? 18.333  -2.009  11.789 1.00 0.00 ? 15 DA  B C8     1 
ATOM   465 N N7     . DA  B 2 3  ? 18.036  -1.197  10.808 1.00 0.00 ? 15 DA  B N7     1 
ATOM   466 C C5     . DA  B 2 3  ? 17.005  -0.416  11.353 1.00 0.00 ? 15 DA  B C5     1 
ATOM   467 C C6     . DA  B 2 3  ? 16.190  0.634   10.868 1.00 0.00 ? 15 DA  B C6     1 
ATOM   468 N N6     . DA  B 2 3  ? 16.277  1.148   9.657  1.00 0.00 ? 15 DA  B N6     1 
ATOM   469 N N1     . DA  B 2 3  ? 15.260  1.204   11.635 1.00 0.00 ? 15 DA  B N1     1 
ATOM   470 C C2     . DA  B 2 3  ? 15.117  0.753   12.874 1.00 0.00 ? 15 DA  B C2     1 
ATOM   471 N N3     . DA  B 2 3  ? 15.796  -0.222  13.469 1.00 0.00 ? 15 DA  B N3     1 
ATOM   472 C C4     . DA  B 2 3  ? 16.738  -0.774  12.649 1.00 0.00 ? 15 DA  B C4     1 
ATOM   473 H "H5'"  . DA  B 2 3  ? 21.394  -2.453  15.391 1.00 0.00 ? 15 DA  B "H5'"  1 
ATOM   474 H "H5''" . DA  B 2 3  ? 21.350  -4.196  15.662 1.00 0.00 ? 15 DA  B "H5''" 1 
ATOM   475 H "H4'"  . DA  B 2 3  ? 19.432  -3.098  16.668 1.00 0.00 ? 15 DA  B "H4'"  1 
ATOM   476 H "H3'"  . DA  B 2 3  ? 19.190  -5.368  15.092 1.00 0.00 ? 15 DA  B "H3'"  1 
ATOM   477 H "H2'"  . DA  B 2 3  ? 18.434  -4.307  13.166 1.00 0.00 ? 15 DA  B "H2'"  1 
ATOM   478 H "H2''" . DA  B 2 3  ? 16.849  -4.550  13.933 1.00 0.00 ? 15 DA  B "H2''" 1 
ATOM   479 H "H1'"  . DA  B 2 3  ? 16.763  -2.366  14.802 1.00 0.00 ? 15 DA  B "H1'"  1 
ATOM   480 H H8     . DA  B 2 3  ? 19.112  -2.762  11.717 1.00 0.00 ? 15 DA  B H8     1 
ATOM   481 H H61    . DA  B 2 3  ? 16.956  0.777   9.012  1.00 0.00 ? 15 DA  B H61    1 
ATOM   482 H H62    . DA  B 2 3  ? 15.661  1.909   9.395  1.00 0.00 ? 15 DA  B H62    1 
ATOM   483 H H2     . DA  B 2 3  ? 14.355  1.238   13.473 1.00 0.00 ? 15 DA  B H2     1 
ATOM   484 P P      . DC  B 2 4  ? 16.658  -5.998  16.455 1.00 0.00 ? 16 DC  B P      1 
ATOM   485 O OP1    . DC  B 2 4  ? 16.395  -6.313  17.881 1.00 0.00 ? 16 DC  B OP1    1 
ATOM   486 O OP2    . DC  B 2 4  ? 17.149  -7.078  15.563 1.00 0.00 ? 16 DC  B OP2    1 
ATOM   487 O "O5'"  . DC  B 2 4  ? 15.315  -5.380  15.813 1.00 0.00 ? 16 DC  B "O5'"  1 
ATOM   488 C "C5'"  . DC  B 2 4  ? 14.625  -4.310  16.450 1.00 0.00 ? 16 DC  B "C5'"  1 
ATOM   489 C "C4'"  . DC  B 2 4  ? 13.637  -3.608  15.510 1.00 0.00 ? 16 DC  B "C4'"  1 
ATOM   490 O "O4'"  . DC  B 2 4  ? 14.307  -3.083  14.375 1.00 0.00 ? 16 DC  B "O4'"  1 
ATOM   491 C "C3'"  . DC  B 2 4  ? 12.492  -4.497  14.996 1.00 0.00 ? 16 DC  B "C3'"  1 
ATOM   492 O "O3'"  . DC  B 2 4  ? 11.284  -4.182  15.688 1.00 0.00 ? 16 DC  B "O3'"  1 
ATOM   493 C "C2'"  . DC  B 2 4  ? 12.428  -4.152  13.503 1.00 0.00 ? 16 DC  B "C2'"  1 
ATOM   494 C "C1'"  . DC  B 2 4  ? 13.327  -2.923  13.371 1.00 0.00 ? 16 DC  B "C1'"  1 
ATOM   495 N N1     . DC  B 2 4  ? 13.936  -2.815  12.020 1.00 0.00 ? 16 DC  B N1     1 
ATOM   496 C C2     . DC  B 2 4  ? 13.441  -1.854  11.132 1.00 0.00 ? 16 DC  B C2     1 
ATOM   497 O O2     . DC  B 2 4  ? 12.506  -1.108  11.424 1.00 0.00 ? 16 DC  B O2     1 
ATOM   498 N N3     . DC  B 2 4  ? 13.970  -1.719  9.896  1.00 0.00 ? 16 DC  B N3     1 
ATOM   499 C C4     . DC  B 2 4  ? 14.953  -2.515  9.538  1.00 0.00 ? 16 DC  B C4     1 
ATOM   500 N N4     . DC  B 2 4  ? 15.420  -2.310  8.343  1.00 0.00 ? 16 DC  B N4     1 
ATOM   501 C C5     . DC  B 2 4  ? 15.482  -3.535  10.378 1.00 0.00 ? 16 DC  B C5     1 
ATOM   502 C C6     . DC  B 2 4  ? 14.941  -3.663  11.618 1.00 0.00 ? 16 DC  B C6     1 
ATOM   503 H "H5'"  . DC  B 2 4  ? 15.345  -3.564  16.793 1.00 0.00 ? 16 DC  B "H5'"  1 
ATOM   504 H "H5''" . DC  B 2 4  ? 14.084  -4.688  17.319 1.00 0.00 ? 16 DC  B "H5''" 1 
ATOM   505 H "H4'"  . DC  B 2 4  ? 13.191  -2.773  16.056 1.00 0.00 ? 16 DC  B "H4'"  1 
ATOM   506 H "H3'"  . DC  B 2 4  ? 12.752  -5.551  15.123 1.00 0.00 ? 16 DC  B "H3'"  1 
ATOM   507 H "H2'"  . DC  B 2 4  ? 12.822  -4.988  12.923 1.00 0.00 ? 16 DC  B "H2'"  1 
ATOM   508 H "H2''" . DC  B 2 4  ? 11.421  -3.907  13.169 1.00 0.00 ? 16 DC  B "H2''" 1 
ATOM   509 H "H1'"  . DC  B 2 4  ? 12.734  -2.028  13.592 1.00 0.00 ? 16 DC  B "H1'"  1 
ATOM   510 H H41    . DC  B 2 4  ? 16.168  -2.880  7.989  1.00 0.00 ? 16 DC  B H41    1 
ATOM   511 H H42    . DC  B 2 4  ? 14.998  -1.557  7.809  1.00 0.00 ? 16 DC  B H42    1 
ATOM   512 H H5     . DC  B 2 4  ? 16.276  -4.192  10.062 1.00 0.00 ? 16 DC  B H5     1 
ATOM   513 H H6     . DC  B 2 4  ? 15.291  -4.427  12.303 1.00 0.00 ? 16 DC  B H6     1 
ATOM   514 P P      . DT  B 2 5  ? 9.941   -5.070  15.549 1.00 0.00 ? 17 DT  B P      1 
ATOM   515 O OP1    . DT  B 2 5  ? 9.084   -4.772  16.724 1.00 0.00 ? 17 DT  B OP1    1 
ATOM   516 O OP2    . DT  B 2 5  ? 10.322  -6.481  15.288 1.00 0.00 ? 17 DT  B OP2    1 
ATOM   517 O "O5'"  . DT  B 2 5  ? 9.211   -4.497  14.231 1.00 0.00 ? 17 DT  B "O5'"  1 
ATOM   518 C "C5'"  . DT  B 2 5  ? 8.687   -3.173  14.194 1.00 0.00 ? 17 DT  B "C5'"  1 
ATOM   519 C "C4'"  . DT  B 2 5  ? 8.069   -2.819  12.832 1.00 0.00 ? 17 DT  B "C4'"  1 
ATOM   520 O "O4'"  . DT  B 2 5  ? 9.082   -2.694  11.844 1.00 0.00 ? 17 DT  B "O4'"  1 
ATOM   521 C "C3'"  . DT  B 2 5  ? 7.034   -3.846  12.335 1.00 0.00 ? 17 DT  B "C3'"  1 
ATOM   522 O "O3'"  . DT  B 2 5  ? 5.749   -3.234  12.249 1.00 0.00 ? 17 DT  B "O3'"  1 
ATOM   523 C "C2'"  . DT  B 2 5  ? 7.592   -4.266  10.973 1.00 0.00 ? 17 DT  B "C2'"  1 
ATOM   524 C "C1'"  . DT  B 2 5  ? 8.537   -3.120  10.611 1.00 0.00 ? 17 DT  B "C1'"  1 
ATOM   525 N N1     . DT  B 2 5  ? 9.638   -3.513  9.688  1.00 0.00 ? 17 DT  B N1     1 
ATOM   526 C C2     . DT  B 2 5  ? 9.719   -2.880  8.441  1.00 0.00 ? 17 DT  B C2     1 
ATOM   527 O O2     . DT  B 2 5  ? 8.868   -2.112  7.998  1.00 0.00 ? 17 DT  B O2     1 
ATOM   528 N N3     . DT  B 2 5  ? 10.827  -3.163  7.679  1.00 0.00 ? 17 DT  B N3     1 
ATOM   529 C C4     . DT  B 2 5  ? 11.827  -4.050  7.996  1.00 0.00 ? 17 DT  B C4     1 
ATOM   530 O O4     . DT  B 2 5  ? 12.765  -4.175  7.210  1.00 0.00 ? 17 DT  B O4     1 
ATOM   531 C C5     . DT  B 2 5  ? 11.633  -4.757  9.262  1.00 0.00 ? 17 DT  B C5     1 
ATOM   532 C C7     . DT  B 2 5  ? 12.611  -5.836  9.693  1.00 0.00 ? 17 DT  B C7     1 
ATOM   533 C C6     . DT  B 2 5  ? 10.570  -4.464  10.061 1.00 0.00 ? 17 DT  B C6     1 
ATOM   534 H "H5'"  . DT  B 2 5  ? 9.482   -2.457  14.410 1.00 0.00 ? 17 DT  B "H5'"  1 
ATOM   535 H "H5''" . DT  B 2 5  ? 7.915   -3.067  14.958 1.00 0.00 ? 17 DT  B "H5''" 1 
ATOM   536 H "H4'"  . DT  B 2 5  ? 7.570   -1.853  12.930 1.00 0.00 ? 17 DT  B "H4'"  1 
ATOM   537 H "H3'"  . DT  B 2 5  ? 7.002   -4.706  13.008 1.00 0.00 ? 17 DT  B "H3'"  1 
ATOM   538 H "H2'"  . DT  B 2 5  ? 8.135   -5.204  11.082 1.00 0.00 ? 17 DT  B "H2'"  1 
ATOM   539 H "H2''" . DT  B 2 5  ? 6.814   -4.372  10.222 1.00 0.00 ? 17 DT  B "H2''" 1 
ATOM   540 H "H1'"  . DT  B 2 5  ? 7.944   -2.309  10.176 1.00 0.00 ? 17 DT  B "H1'"  1 
ATOM   541 H H3     . DT  B 2 5  ? 10.890  -2.716  6.776  1.00 0.00 ? 17 DT  B H3     1 
ATOM   542 H H71    . DT  B 2 5  ? 13.612  -5.413  9.765  1.00 0.00 ? 17 DT  B H71    1 
ATOM   543 H H72    . DT  B 2 5  ? 12.325  -6.269  10.655 1.00 0.00 ? 17 DT  B H72    1 
ATOM   544 H H73    . DT  B 2 5  ? 12.633  -6.624  8.938  1.00 0.00 ? 17 DT  B H73    1 
ATOM   545 H H6     . DT  B 2 5  ? 10.448  -4.972  11.010 1.00 0.00 ? 17 DT  B H6     1 
ATOM   546 P P      . DC  B 2 6  ? 4.387   -4.088  12.060 1.00 0.00 ? 18 DC  B P      1 
ATOM   547 O OP1    . DC  B 2 6  ? 3.256   -3.241  12.512 1.00 0.00 ? 18 DC  B OP1    1 
ATOM   548 O OP2    . DC  B 2 6  ? 4.566   -5.425  12.678 1.00 0.00 ? 18 DC  B OP2    1 
ATOM   549 O "O5'"  . DC  B 2 6  ? 4.268   -4.287  10.465 1.00 0.00 ? 18 DC  B "O5'"  1 
ATOM   550 C "C5'"  . DC  B 2 6  ? 3.973   -3.191  9.608  1.00 0.00 ? 18 DC  B "C5'"  1 
ATOM   551 C "C4'"  . DC  B 2 6  ? 4.220   -3.524  8.130  1.00 0.00 ? 18 DC  B "C4'"  1 
ATOM   552 O "O4'"  . DC  B 2 6  ? 5.608   -3.726  7.906  1.00 0.00 ? 18 DC  B "O4'"  1 
ATOM   553 C "C3'"  . DC  B 2 6  ? 3.470   -4.773  7.629  1.00 0.00 ? 18 DC  B "C3'"  1 
ATOM   554 O "O3'"  . DC  B 2 6  ? 2.517   -4.420  6.629  1.00 0.00 ? 18 DC  B "O3'"  1 
ATOM   555 C "C2'"  . DC  B 2 6  ? 4.595   -5.647  7.070  1.00 0.00 ? 18 DC  B "C2'"  1 
ATOM   556 C "C1'"  . DC  B 2 6  ? 5.727   -4.645  6.842  1.00 0.00 ? 18 DC  B "C1'"  1 
ATOM   557 N N1     . DC  B 2 6  ? 7.091   -5.248  6.806  1.00 0.00 ? 18 DC  B N1     1 
ATOM   558 C C2     . DC  B 2 6  ? 7.914   -4.978  5.707  1.00 0.00 ? 18 DC  B C2     1 
ATOM   559 O O2     . DC  B 2 6  ? 7.537   -4.258  4.784  1.00 0.00 ? 18 DC  B O2     1 
ATOM   560 N N3     . DC  B 2 6  ? 9.159   -5.505  5.607  1.00 0.00 ? 18 DC  B N3     1 
ATOM   561 C C4     . DC  B 2 6  ? 9.568   -6.309  6.569  1.00 0.00 ? 18 DC  B C4     1 
ATOM   562 N N4     . DC  B 2 6  ? 10.774  -6.785  6.456  1.00 0.00 ? 18 DC  B N4     1 
ATOM   563 C C5     . DC  B 2 6  ? 8.792   -6.614  7.720  1.00 0.00 ? 18 DC  B C5     1 
ATOM   564 C C6     . DC  B 2 6  ? 7.553   -6.065  7.809  1.00 0.00 ? 18 DC  B C6     1 
ATOM   565 H "H5'"  . DC  B 2 6  ? 4.601   -2.338  9.873  1.00 0.00 ? 18 DC  B "H5'"  1 
ATOM   566 H "H5''" . DC  B 2 6  ? 2.928   -2.900  9.736  1.00 0.00 ? 18 DC  B "H5''" 1 
ATOM   567 H "H4'"  . DC  B 2 6  ? 3.897   -2.670  7.531  1.00 0.00 ? 18 DC  B "H4'"  1 
ATOM   568 H "H3'"  . DC  B 2 6  ? 2.976   -5.282  8.460  1.00 0.00 ? 18 DC  B "H3'"  1 
ATOM   569 H "H2'"  . DC  B 2 6  ? 4.863   -6.397  7.814  1.00 0.00 ? 18 DC  B "H2'"  1 
ATOM   570 H "H2''" . DC  B 2 6  ? 4.315   -6.130  6.136  1.00 0.00 ? 18 DC  B "H2''" 1 
ATOM   571 H "H1'"  . DC  B 2 6  ? 5.521   -4.118  5.904  1.00 0.00 ? 18 DC  B "H1'"  1 
ATOM   572 H H41    . DC  B 2 6  ? 11.122  -7.411  7.160  1.00 0.00 ? 18 DC  B H41    1 
ATOM   573 H H42    . DC  B 2 6  ? 11.347  -6.508  5.668  1.00 0.00 ? 18 DC  B H42    1 
ATOM   574 H H5     . DC  B 2 6  ? 9.154   -7.254  8.510  1.00 0.00 ? 18 DC  B H5     1 
ATOM   575 H H6     . DC  B 2 6  ? 6.924   -6.261  8.671  1.00 0.00 ? 18 DC  B H6     1 
ATOM   576 P P      . DG  B 2 7  ? 1.441   -5.479  6.038  1.00 0.00 ? 19 DG  B P      1 
ATOM   577 O OP1    . DG  B 2 7  ? 0.131   -4.785  5.942  1.00 0.00 ? 19 DG  B OP1    1 
ATOM   578 O OP2    . DG  B 2 7  ? 1.515   -6.743  6.813  1.00 0.00 ? 19 DG  B OP2    1 
ATOM   579 O "O5'"  . DG  B 2 7  ? 1.973   -5.799  4.543  1.00 0.00 ? 19 DG  B "O5'"  1 
ATOM   580 C "C5'"  . DG  B 2 7  ? 1.911   -4.799  3.529  1.00 0.00 ? 19 DG  B "C5'"  1 
ATOM   581 C "C4'"  . DG  B 2 7  ? 2.264   -5.285  2.112  1.00 0.00 ? 19 DG  B "C4'"  1 
ATOM   582 O "O4'"  . DG  B 2 7  ? 3.673   -5.475  1.965  1.00 0.00 ? 19 DG  B "O4'"  1 
ATOM   583 C "C3'"  . DG  B 2 7  ? 1.574   -6.578  1.663  1.00 0.00 ? 19 DG  B "C3'"  1 
ATOM   584 O "O3'"  . DG  B 2 7  ? 1.280   -6.454  0.271  1.00 0.00 ? 19 DG  B "O3'"  1 
ATOM   585 C "C2'"  . DG  B 2 7  ? 2.644   -7.622  1.982  1.00 0.00 ? 19 DG  B "C2'"  1 
ATOM   586 C "C1'"  . DG  B 2 7  ? 3.944   -6.853  1.725  1.00 0.00 ? 19 DG  B "C1'"  1 
ATOM   587 N N9     . DG  B 2 7  ? 5.091   -7.296  2.557  1.00 0.00 ? 19 DG  B N9     1 
ATOM   588 C C8     . DG  B 2 7  ? 5.112   -7.672  3.880  1.00 0.00 ? 19 DG  B C8     1 
ATOM   589 N N7     . DG  B 2 7  ? 6.298   -7.990  4.333  1.00 0.00 ? 19 DG  B N7     1 
ATOM   590 C C5     . DG  B 2 7  ? 7.129   -7.829  3.214  1.00 0.00 ? 19 DG  B C5     1 
ATOM   591 C C6     . DG  B 2 7  ? 8.547   -8.028  3.034  1.00 0.00 ? 19 DG  B C6     1 
ATOM   592 O O6     . DG  B 2 7  ? 9.396   -8.396  3.845  1.00 0.00 ? 19 DG  B O6     1 
ATOM   593 N N1     . DG  B 2 7  ? 8.986   -7.747  1.756  1.00 0.00 ? 19 DG  B N1     1 
ATOM   594 C C2     . DG  B 2 7  ? 8.174   -7.343  0.753  1.00 0.00 ? 19 DG  B C2     1 
ATOM   595 N N2     . DG  B 2 7  ? 8.733   -7.084  -0.396 1.00 0.00 ? 19 DG  B N2     1 
ATOM   596 N N3     . DG  B 2 7  ? 6.864   -7.143  0.867  1.00 0.00 ? 19 DG  B N3     1 
ATOM   597 C C4     . DG  B 2 7  ? 6.395   -7.408  2.125  1.00 0.00 ? 19 DG  B C4     1 
ATOM   598 H "H5'"  . DG  B 2 7  ? 2.584   -3.974  3.789  1.00 0.00 ? 19 DG  B "H5'"  1 
ATOM   599 H "H5''" . DG  B 2 7  ? 0.894   -4.396  3.488  1.00 0.00 ? 19 DG  B "H5''" 1 
ATOM   600 H "H4'"  . DG  B 2 7  ? 1.945   -4.491  1.436  1.00 0.00 ? 19 DG  B "H4'"  1 
ATOM   601 H "H3'"  . DG  B 2 7  ? 0.662   -6.760  2.237  1.00 0.00 ? 19 DG  B "H3'"  1 
ATOM   602 H "H2'"  . DG  B 2 7  ? 2.553   -7.917  3.027  1.00 0.00 ? 19 DG  B "H2'"  1 
ATOM   603 H "H2''" . DG  B 2 7  ? 2.571   -8.503  1.346  1.00 0.00 ? 19 DG  B "H2''" 1 
ATOM   604 H "H1'"  . DG  B 2 7  ? 4.204   -6.993  0.671  1.00 0.00 ? 19 DG  B "H1'"  1 
ATOM   605 H H8     . DG  B 2 7  ? 4.218   -7.684  4.493  1.00 0.00 ? 19 DG  B H8     1 
ATOM   606 H H1     . DG  B 2 7  ? 9.965   -7.894  1.563  1.00 0.00 ? 19 DG  B H1     1 
ATOM   607 H H21    . DG  B 2 7  ? 8.142   -6.789  -1.153 1.00 0.00 ? 19 DG  B H21    1 
ATOM   608 H H22    . DG  B 2 7  ? 9.734   -7.216  -0.525 1.00 0.00 ? 19 DG  B H22    1 
ATOM   609 P P      . DC  B 2 8  ? 0.559   -7.608  -0.595 1.00 0.00 ? 20 DC  B P      1 
ATOM   610 O OP1    . DC  B 2 8  ? -0.114  -6.958  -1.745 1.00 0.00 ? 20 DC  B OP1    1 
ATOM   611 O OP2    . DC  B 2 8  ? -0.234  -8.478  0.309  1.00 0.00 ? 20 DC  B OP2    1 
ATOM   612 O "O5'"  . DC  B 2 8  ? 1.813   -8.450  -1.152 1.00 0.00 ? 20 DC  B "O5'"  1 
ATOM   613 C "C5'"  . DC  B 2 8  ? 2.710   -7.872  -2.092 1.00 0.00 ? 20 DC  B "C5'"  1 
ATOM   614 C "C4'"  . DC  B 2 8  ? 3.962   -8.722  -2.329 1.00 0.00 ? 20 DC  B "C4'"  1 
ATOM   615 O "O4'"  . DC  B 2 8  ? 4.733   -8.831  -1.145 1.00 0.00 ? 20 DC  B "O4'"  1 
ATOM   616 C "C3'"  . DC  B 2 8  ? 3.684   -10.144 -2.843 1.00 0.00 ? 20 DC  B "C3'"  1 
ATOM   617 O "O3'"  . DC  B 2 8  ? 3.977   -10.200 -4.236 1.00 0.00 ? 20 DC  B "O3'"  1 
ATOM   618 C "C2'"  . DC  B 2 8  ? 4.614   -11.006 -1.979 1.00 0.00 ? 20 DC  B "C2'"  1 
ATOM   619 C "C1'"  . DC  B 2 8  ? 5.526   -9.991  -1.287 1.00 0.00 ? 20 DC  B "C1'"  1 
ATOM   620 N N1     . DC  B 2 8  ? 6.015   -10.449 0.041  1.00 0.00 ? 20 DC  B N1     1 
ATOM   621 C C2     . DC  B 2 8  ? 7.382   -10.690 0.221  1.00 0.00 ? 20 DC  B C2     1 
ATOM   622 O O2     . DC  B 2 8  ? 8.199   -10.565 -0.690 1.00 0.00 ? 20 DC  B O2     1 
ATOM   623 N N3     . DC  B 2 8  ? 7.865   -11.076 1.424  1.00 0.00 ? 20 DC  B N3     1 
ATOM   624 C C4     . DC  B 2 8  ? 7.019   -11.233 2.419  1.00 0.00 ? 20 DC  B C4     1 
ATOM   625 N N4     . DC  B 2 8  ? 7.551   -11.588 3.551  1.00 0.00 ? 20 DC  B N4     1 
ATOM   626 C C5     . DC  B 2 8  ? 5.620   -11.014 2.304  1.00 0.00 ? 20 DC  B C5     1 
ATOM   627 C C6     . DC  B 2 8  ? 5.147   -10.624 1.093  1.00 0.00 ? 20 DC  B C6     1 
ATOM   628 H "H5'"  . DC  B 2 8  ? 3.030   -6.894  -1.730 1.00 0.00 ? 20 DC  B "H5'"  1 
ATOM   629 H "H5''" . DC  B 2 8  ? 2.195   -7.737  -3.045 1.00 0.00 ? 20 DC  B "H5''" 1 
ATOM   630 H "H4'"  . DC  B 2 8  ? 4.575   -8.213  -3.078 1.00 0.00 ? 20 DC  B "H4'"  1 
ATOM   631 H "H3'"  . DC  B 2 8  ? 2.643   -10.417 -2.653 1.00 0.00 ? 20 DC  B "H3'"  1 
ATOM   632 H "H2'"  . DC  B 2 8  ? 4.017   -11.557 -1.250 1.00 0.00 ? 20 DC  B "H2'"  1 
ATOM   633 H "H2''" . DC  B 2 8  ? 5.208   -11.700 -2.569 1.00 0.00 ? 20 DC  B "H2''" 1 
ATOM   634 H "H1'"  . DC  B 2 8  ? 6.372   -9.774  -1.950 1.00 0.00 ? 20 DC  B "H1'"  1 
ATOM   635 H H41    . DC  B 2 8  ? 6.971   -11.720 4.360  1.00 0.00 ? 20 DC  B H41    1 
ATOM   636 H H42    . DC  B 2 8  ? 8.558   -11.703 3.574  1.00 0.00 ? 20 DC  B H42    1 
ATOM   637 H H5     . DC  B 2 8  ? 4.941   -11.145 3.133  1.00 0.00 ? 20 DC  B H5     1 
ATOM   638 H H6     . DC  B 2 8  ? 4.089   -10.434 0.941  1.00 0.00 ? 20 DC  B H6     1 
ATOM   639 P P      . DT  B 2 9  ? 3.686   -11.501 -5.149 1.00 0.00 ? 21 DT  B P      1 
ATOM   640 O OP1    . DT  B 2 9  ? 3.571   -11.048 -6.558 1.00 0.00 ? 21 DT  B OP1    1 
ATOM   641 O OP2    . DT  B 2 9  ? 2.566   -12.272 -4.552 1.00 0.00 ? 21 DT  B OP2    1 
ATOM   642 O "O5'"  . DT  B 2 9  ? 5.034   -12.371 -5.002 1.00 0.00 ? 21 DT  B "O5'"  1 
ATOM   643 C "C5'"  . DT  B 2 9  ? 6.273   -11.885 -5.509 1.00 0.00 ? 21 DT  B "C5'"  1 
ATOM   644 C "C4'"  . DT  B 2 9  ? 7.471   -12.734 -5.062 1.00 0.00 ? 21 DT  B "C4'"  1 
ATOM   645 O "O4'"  . DT  B 2 9  ? 7.661   -12.640 -3.656 1.00 0.00 ? 21 DT  B "O4'"  1 
ATOM   646 C "C3'"  . DT  B 2 9  ? 7.353   -14.224 -5.430 1.00 0.00 ? 21 DT  B "C3'"  1 
ATOM   647 O "O3'"  . DT  B 2 9  ? 8.351   -14.560 -6.390 1.00 0.00 ? 21 DT  B "O3'"  1 
ATOM   648 C "C2'"  . DT  B 2 9  ? 7.559   -14.925 -4.084 1.00 0.00 ? 21 DT  B "C2'"  1 
ATOM   649 C "C1'"  . DT  B 2 9  ? 8.249   -13.856 -3.237 1.00 0.00 ? 21 DT  B "C1'"  1 
ATOM   650 N N1     . DT  B 2 9  ? 8.061   -14.055 -1.773 1.00 0.00 ? 21 DT  B N1     1 
ATOM   651 C C2     . DT  B 2 9  ? 9.194   -14.289 -0.980 1.00 0.00 ? 21 DT  B C2     1 
ATOM   652 O O2     . DT  B 2 9  ? 10.344  -14.346 -1.416 1.00 0.00 ? 21 DT  B O2     1 
ATOM   653 N N3     . DT  B 2 9  ? 8.979   -14.485 0.363  1.00 0.00 ? 21 DT  B N3     1 
ATOM   654 C C4     . DT  B 2 9  ? 7.752   -14.537 0.983  1.00 0.00 ? 21 DT  B C4     1 
ATOM   655 O O4     . DT  B 2 9  ? 7.713   -14.765 2.190  1.00 0.00 ? 21 DT  B O4     1 
ATOM   656 C C5     . DT  B 2 9  ? 6.608   -14.310 0.101  1.00 0.00 ? 21 DT  B C5     1 
ATOM   657 C C7     . DT  B 2 9  ? 5.194   -14.360 0.655  1.00 0.00 ? 21 DT  B C7     1 
ATOM   658 C C6     . DT  B 2 9  ? 6.794   -14.069 -1.224 1.00 0.00 ? 21 DT  B C6     1 
ATOM   659 H "H5'"  . DT  B 2 9  ? 6.434   -10.862 -5.165 1.00 0.00 ? 21 DT  B "H5'"  1 
ATOM   660 H "H5''" . DT  B 2 9  ? 6.238   -11.877 -6.600 1.00 0.00 ? 21 DT  B "H5''" 1 
ATOM   661 H "H4'"  . DT  B 2 9  ? 8.363   -12.336 -5.550 1.00 0.00 ? 21 DT  B "H4'"  1 
ATOM   662 H "H3'"  . DT  B 2 9  ? 6.355   -14.440 -5.818 1.00 0.00 ? 21 DT  B "H3'"  1 
ATOM   663 H "H2'"  . DT  B 2 9  ? 6.585   -15.190 -3.671 1.00 0.00 ? 21 DT  B "H2'"  1 
ATOM   664 H "H2''" . DT  B 2 9  ? 8.181   -15.814 -4.161 1.00 0.00 ? 21 DT  B "H2''" 1 
ATOM   665 H "H1'"  . DT  B 2 9  ? 9.314   -13.848 -3.489 1.00 0.00 ? 21 DT  B "H1'"  1 
ATOM   666 H H3     . DT  B 2 9  ? 9.790   -14.683 0.929  1.00 0.00 ? 21 DT  B H3     1 
ATOM   667 H H71    . DT  B 2 9  ? 4.459   -14.123 -0.115 1.00 0.00 ? 21 DT  B H71    1 
ATOM   668 H H72    . DT  B 2 9  ? 4.998   -15.359 1.043  1.00 0.00 ? 21 DT  B H72    1 
ATOM   669 H H73    . DT  B 2 9  ? 5.099   -13.650 1.476  1.00 0.00 ? 21 DT  B H73    1 
ATOM   670 H H6     . DT  B 2 9  ? 5.941   -13.898 -1.869 1.00 0.00 ? 21 DT  B H6     1 
ATOM   671 P P      . DA  B 2 10 ? 8.344   -15.959 -7.200 1.00 0.00 ? 22 DA  B P      1 
ATOM   672 O OP1    . DA  B 2 10 ? 9.185   -15.783 -8.410 1.00 0.00 ? 22 DA  B OP1    1 
ATOM   673 O OP2    . DA  B 2 10 ? 6.940   -16.411 -7.367 1.00 0.00 ? 22 DA  B OP2    1 
ATOM   674 O "O5'"  . DA  B 2 10 ? 9.085   -16.984 -6.205 1.00 0.00 ? 22 DA  B "O5'"  1 
ATOM   675 C "C5'"  . DA  B 2 10 ? 10.481  -16.886 -5.949 1.00 0.00 ? 22 DA  B "C5'"  1 
ATOM   676 C "C4'"  . DA  B 2 10 ? 10.948  -17.838 -4.839 1.00 0.00 ? 22 DA  B "C4'"  1 
ATOM   677 O "O4'"  . DA  B 2 10 ? 10.490  -17.408 -3.567 1.00 0.00 ? 22 DA  B "O4'"  1 
ATOM   678 C "C3'"  . DA  B 2 10 ? 10.495  -19.298 -5.010 1.00 0.00 ? 22 DA  B "C3'"  1 
ATOM   679 O "O3'"  . DA  B 2 10 ? 11.555  -20.068 -5.572 1.00 0.00 ? 22 DA  B "O3'"  1 
ATOM   680 C "C2'"  . DA  B 2 10 ? 10.124  -19.716 -3.580 1.00 0.00 ? 22 DA  B "C2'"  1 
ATOM   681 C "C1'"  . DA  B 2 10 ? 10.561  -18.533 -2.714 1.00 0.00 ? 22 DA  B "C1'"  1 
ATOM   682 N N9     . DA  B 2 10 ? 9.706   -18.315 -1.526 1.00 0.00 ? 22 DA  B N9     1 
ATOM   683 C C8     . DA  B 2 10 ? 8.409   -17.858 -1.475 1.00 0.00 ? 22 DA  B C8     1 
ATOM   684 N N7     . DA  B 2 10 ? 7.950   -17.667 -0.263 1.00 0.00 ? 22 DA  B N7     1 
ATOM   685 C C5     . DA  B 2 10 ? 9.032   -18.063 0.544  1.00 0.00 ? 22 DA  B C5     1 
ATOM   686 C C6     . DA  B 2 10 ? 9.277   -18.121 1.940  1.00 0.00 ? 22 DA  B C6     1 
ATOM   687 N N6     . DA  B 2 10 ? 8.431   -17.732 2.873  1.00 0.00 ? 22 DA  B N6     1 
ATOM   688 N N1     . DA  B 2 10 ? 10.441  -18.566 2.419  1.00 0.00 ? 22 DA  B N1     1 
ATOM   689 C C2     . DA  B 2 10 ? 11.374  -18.940 1.554  1.00 0.00 ? 22 DA  B C2     1 
ATOM   690 N N3     . DA  B 2 10 ? 11.304  -18.930 0.228  1.00 0.00 ? 22 DA  B N3     1 
ATOM   691 C C4     . DA  B 2 10 ? 10.094  -18.477 -0.217 1.00 0.00 ? 22 DA  B C4     1 
ATOM   692 H "H5'"  . DA  B 2 10 ? 10.730  -15.865 -5.651 1.00 0.00 ? 22 DA  B "H5'"  1 
ATOM   693 H "H5''" . DA  B 2 10 ? 11.034  -17.121 -6.861 1.00 0.00 ? 22 DA  B "H5''" 1 
ATOM   694 H "H4'"  . DA  B 2 10 ? 12.040  -17.824 -4.824 1.00 0.00 ? 22 DA  B "H4'"  1 
ATOM   695 H "H3'"  . DA  B 2 10 ? 9.609   -19.347 -5.646 1.00 0.00 ? 22 DA  B "H3'"  1 
ATOM   696 H "H2'"  . DA  B 2 10 ? 9.045   -19.868 -3.514 1.00 0.00 ? 22 DA  B "H2'"  1 
ATOM   697 H "H2''" . DA  B 2 10 ? 10.653  -20.615 -3.266 1.00 0.00 ? 22 DA  B "H2''" 1 
ATOM   698 H "H1'"  . DA  B 2 10 ? 11.597  -18.692 -2.395 1.00 0.00 ? 22 DA  B "H1'"  1 
ATOM   699 H H8     . DA  B 2 10 ? 7.835   -17.649 -2.372 1.00 0.00 ? 22 DA  B H8     1 
ATOM   700 H H61    . DA  B 2 10 ? 7.567   -17.294 2.595  1.00 0.00 ? 22 DA  B H61    1 
ATOM   701 H H62    . DA  B 2 10 ? 8.728   -17.737 3.842  1.00 0.00 ? 22 DA  B H62    1 
ATOM   702 H H2     . DA  B 2 10 ? 12.306  -19.290 1.979  1.00 0.00 ? 22 DA  B H2     1 
ATOM   703 P P      . DG  B 2 11 ? 11.377  -21.610 -6.015 1.00 0.00 ? 23 DG  B P      1 
ATOM   704 O OP1    . DG  B 2 11 ? 12.355  -21.887 -7.097 1.00 0.00 ? 23 DG  B OP1    1 
ATOM   705 O OP2    . DG  B 2 11 ? 9.940   -21.884 -6.263 1.00 0.00 ? 23 DG  B OP2    1 
ATOM   706 O "O5'"  . DG  B 2 11 ? 11.823  -22.431 -4.703 1.00 0.00 ? 23 DG  B "O5'"  1 
ATOM   707 C "C5'"  . DG  B 2 11 ? 13.168  -22.393 -4.235 1.00 0.00 ? 23 DG  B "C5'"  1 
ATOM   708 C "C4'"  . DG  B 2 11 ? 13.386  -23.237 -2.971 1.00 0.00 ? 23 DG  B "C4'"  1 
ATOM   709 O "O4'"  . DG  B 2 11 ? 12.743  -22.622 -1.857 1.00 0.00 ? 23 DG  B "O4'"  1 
ATOM   710 C "C3'"  . DG  B 2 11 ? 12.860  -24.676 -3.107 1.00 0.00 ? 23 DG  B "C3'"  1 
ATOM   711 O "O3'"  . DG  B 2 11 ? 13.848  -25.587 -2.631 1.00 0.00 ? 23 DG  B "O3'"  1 
ATOM   712 C "C2'"  . DG  B 2 11 ? 11.590  -24.633 -2.256 1.00 0.00 ? 23 DG  B "C2'"  1 
ATOM   713 C "C1'"  . DG  B 2 11 ? 11.938  -23.586 -1.197 1.00 0.00 ? 23 DG  B "C1'"  1 
ATOM   714 N N9     . DG  B 2 11 ? 10.756  -22.915 -0.604 1.00 0.00 ? 23 DG  B N9     1 
ATOM   715 C C8     . DG  B 2 11 ? 9.654   -22.394 -1.239 1.00 0.00 ? 23 DG  B C8     1 
ATOM   716 N N7     . DG  B 2 11 ? 8.794   -21.815 -0.444 1.00 0.00 ? 23 DG  B N7     1 
ATOM   717 C C5     . DG  B 2 11 ? 9.361   -21.987 0.829  1.00 0.00 ? 23 DG  B C5     1 
ATOM   718 C C6     . DG  B 2 11 ? 8.904   -21.596 2.137  1.00 0.00 ? 23 DG  B C6     1 
ATOM   719 O O6     . DG  B 2 11 ? 7.879   -20.989 2.455  1.00 0.00 ? 23 DG  B O6     1 
ATOM   720 N N1     . DG  B 2 11 ? 9.759   -21.969 3.154  1.00 0.00 ? 23 DG  B N1     1 
ATOM   721 C C2     . DG  B 2 11 ? 10.921  -22.635 2.955  1.00 0.00 ? 23 DG  B C2     1 
ATOM   722 N N2     . DG  B 2 11 ? 11.621  -22.937 4.014  1.00 0.00 ? 23 DG  B N2     1 
ATOM   723 N N3     . DG  B 2 11 ? 11.389  -23.015 1.770  1.00 0.00 ? 23 DG  B N3     1 
ATOM   724 C C4     . DG  B 2 11 ? 10.561  -22.663 0.737  1.00 0.00 ? 23 DG  B C4     1 
ATOM   725 H "H5'"  . DG  B 2 11 ? 13.451  -21.361 -4.018 1.00 0.00 ? 23 DG  B "H5'"  1 
ATOM   726 H "H5''" . DG  B 2 11 ? 13.832  -22.771 -5.015 1.00 0.00 ? 23 DG  B "H5''" 1 
ATOM   727 H "H4'"  . DG  B 2 11 ? 14.459  -23.276 -2.774 1.00 0.00 ? 23 DG  B "H4'"  1 
ATOM   728 H "H3'"  . DG  B 2 11 ? 12.614  -24.899 -4.149 1.00 0.00 ? 23 DG  B "H3'"  1 
ATOM   729 H "H2'"  . DG  B 2 11 ? 10.758  -24.302 -2.877 1.00 0.00 ? 23 DG  B "H2'"  1 
ATOM   730 H "H2''" . DG  B 2 11 ? 11.355  -25.594 -1.801 1.00 0.00 ? 23 DG  B "H2''" 1 
ATOM   731 H "H1'"  . DG  B 2 11 ? 12.519  -24.069 -0.406 1.00 0.00 ? 23 DG  B "H1'"  1 
ATOM   732 H H8     . DG  B 2 11 ? 9.529   -22.444 -2.316 1.00 0.00 ? 23 DG  B H8     1 
ATOM   733 H H1     . DG  B 2 11 ? 9.491   -21.725 4.095  1.00 0.00 ? 23 DG  B H1     1 
ATOM   734 H H21    . DG  B 2 11 ? 12.494  -23.418 3.884  1.00 0.00 ? 23 DG  B H21    1 
ATOM   735 H H22    . DG  B 2 11 ? 11.286  -22.678 4.938  1.00 0.00 ? 23 DG  B H22    1 
ATOM   736 P P      . DC  B 2 12 ? 13.692  -27.191 -2.744 1.00 0.00 ? 24 DC  B P      1 
ATOM   737 O OP1    . DC  B 2 12 ? 15.054  -27.783 -2.732 1.00 0.00 ? 24 DC  B OP1    1 
ATOM   738 O OP2    . DC  B 2 12 ? 12.780  -27.515 -3.869 1.00 0.00 ? 24 DC  B OP2    1 
ATOM   739 O "O5'"  . DC  B 2 12 ? 12.957  -27.580 -1.367 1.00 0.00 ? 24 DC  B "O5'"  1 
ATOM   740 C "C5'"  . DC  B 2 12 ? 13.613  -27.407 -0.117 1.00 0.00 ? 24 DC  B "C5'"  1 
ATOM   741 C "C4'"  . DC  B 2 12 ? 12.650  -27.526 1.071  1.00 0.00 ? 24 DC  B "C4'"  1 
ATOM   742 O "O4'"  . DC  B 2 12 ? 11.698  -26.473 1.045  1.00 0.00 ? 24 DC  B "O4'"  1 
ATOM   743 C "C3'"  . DC  B 2 12 ? 11.864  -28.851 1.137  1.00 0.00 ? 24 DC  B "C3'"  1 
ATOM   744 O "O3'"  . DC  B 2 12 ? 12.317  -29.694 2.194  1.00 0.00 ? 24 DC  B "O3'"  1 
ATOM   745 C "C2'"  . DC  B 2 12 ? 10.430  -28.397 1.423  1.00 0.00 ? 24 DC  B "C2'"  1 
ATOM   746 C "C1'"  . DC  B 2 12 ? 10.592  -26.920 1.799  1.00 0.00 ? 24 DC  B "C1'"  1 
ATOM   747 N N1     . DC  B 2 12 ? 9.392   -26.089 1.508  1.00 0.00 ? 24 DC  B N1     1 
ATOM   748 C C2     . DC  B 2 12 ? 8.744   -25.436 2.567  1.00 0.00 ? 24 DC  B C2     1 
ATOM   749 O O2     . DC  B 2 12 ? 9.142   -25.506 3.731  1.00 0.00 ? 24 DC  B O2     1 
ATOM   750 N N3     . DC  B 2 12 ? 7.629   -24.700 2.349  1.00 0.00 ? 24 DC  B N3     1 
ATOM   751 C C4     . DC  B 2 12 ? 7.165   -24.612 1.121  1.00 0.00 ? 24 DC  B C4     1 
ATOM   752 N N4     . DC  B 2 12 ? 6.081   -23.906 0.986  1.00 0.00 ? 24 DC  B N4     1 
ATOM   753 C C5     . DC  B 2 12 ? 7.776   -25.239 0.000  1.00 0.00 ? 24 DC  B C5     1 
ATOM   754 C C6     . DC  B 2 12 ? 8.896   -25.973 0.231  1.00 0.00 ? 24 DC  B C6     1 
ATOM   755 H "H5'"  . DC  B 2 12 ? 14.073  -26.417 -0.079 1.00 0.00 ? 24 DC  B "H5'"  1 
ATOM   756 H "H5''" . DC  B 2 12 ? 14.402  -28.155 -0.012 1.00 0.00 ? 24 DC  B "H5''" 1 
ATOM   757 H "H4'"  . DC  B 2 12 ? 13.235  -27.430 1.989  1.00 0.00 ? 24 DC  B "H4'"  1 
ATOM   758 H "H3'"  . DC  B 2 12 ? 11.897  -29.372 0.176  1.00 0.00 ? 24 DC  B "H3'"  1 
ATOM   759 H "HO3'" . DC  B 2 12 ? 13.153  -30.129 1.927  1.00 0.00 ? 24 DC  B "HO3'" 1 
ATOM   760 H "H2'"  . DC  B 2 12 ? 9.829   -28.518 0.522  1.00 0.00 ? 24 DC  B "H2'"  1 
ATOM   761 H "H2''" . DC  B 2 12 ? 9.978   -28.958 2.245  1.00 0.00 ? 24 DC  B "H2''" 1 
ATOM   762 H "H1'"  . DC  B 2 12 ? 10.842  -26.862 2.865  1.00 0.00 ? 24 DC  B "H1'"  1 
ATOM   763 H H41    . DC  B 2 12 ? 5.672   -23.778 0.076  1.00 0.00 ? 24 DC  B H41    1 
ATOM   764 H H42    . DC  B 2 12 ? 5.712   -23.461 1.822  1.00 0.00 ? 24 DC  B H42    1 
ATOM   765 H H5     . DC  B 2 12 ? 7.385   -25.148 -1.003 1.00 0.00 ? 24 DC  B H5     1 
ATOM   766 H H6     . DC  B 2 12 ? 9.411   -26.472 -0.586 1.00 0.00 ? 24 DC  B H6     1 
ATOM   767 N N      . LYS C 3 1  ? 4.772   -3.621  0.095  1.00 0.00 ? 26 LYS C N      1 
ATOM   768 C CA     . LYS C 3 1  ? 3.855   -2.746  -0.721 1.00 0.00 ? 26 LYS C CA     1 
ATOM   769 C C      . LYS C 3 1  ? 3.074   -1.718  0.134  1.00 0.00 ? 26 LYS C C      1 
ATOM   770 O O      . LYS C 3 1  ? 2.653   -2.046  1.246  1.00 0.00 ? 26 LYS C O      1 
ATOM   771 C CB     . LYS C 3 1  ? 2.899   -3.635  -1.546 1.00 0.00 ? 26 LYS C CB     1 
ATOM   772 C CG     . LYS C 3 1  ? 2.131   -2.856  -2.631 1.00 0.00 ? 26 LYS C CG     1 
ATOM   773 C CD     . LYS C 3 1  ? 1.193   -3.749  -3.462 1.00 0.00 ? 26 LYS C CD     1 
ATOM   774 C CE     . LYS C 3 1  ? 1.894   -4.857  -4.264 1.00 0.00 ? 26 LYS C CE     1 
ATOM   775 N NZ     . LYS C 3 1  ? 2.747   -4.320  -5.361 1.00 0.00 ? 26 LYS C NZ     1 
ATOM   776 H H1     . LYS C 3 1  ? 4.253   -4.034  0.881  1.00 0.00 ? 26 LYS C H1     1 
ATOM   777 H H2     . LYS C 3 1  ? 5.109   -4.405  -0.461 1.00 0.00 ? 26 LYS C H2     1 
ATOM   778 H HA     . LYS C 3 1  ? 4.462   -2.173  -1.430 1.00 0.00 ? 26 LYS C HA     1 
ATOM   779 H HB2    . LYS C 3 1  ? 3.489   -4.412  -2.034 1.00 0.00 ? 26 LYS C HB2    1 
ATOM   780 H HB3    . LYS C 3 1  ? 2.182   -4.118  -0.881 1.00 0.00 ? 26 LYS C HB3    1 
ATOM   781 H HG2    . LYS C 3 1  ? 1.518   -2.091  -2.155 1.00 0.00 ? 26 LYS C HG2    1 
ATOM   782 H HG3    . LYS C 3 1  ? 2.840   -2.356  -3.292 1.00 0.00 ? 26 LYS C HG3    1 
ATOM   783 H HD2    . LYS C 3 1  ? 0.476   -4.218  -2.784 1.00 0.00 ? 26 LYS C HD2    1 
ATOM   784 H HD3    . LYS C 3 1  ? 0.627   -3.119  -4.149 1.00 0.00 ? 26 LYS C HD3    1 
ATOM   785 H HE2    . LYS C 3 1  ? 2.492   -5.469  -3.583 1.00 0.00 ? 26 LYS C HE2    1 
ATOM   786 H HE3    . LYS C 3 1  ? 1.123   -5.507  -4.689 1.00 0.00 ? 26 LYS C HE3    1 
ATOM   787 H HZ1    . LYS C 3 1  ? 3.164   -5.072  -5.896 1.00 0.00 ? 26 LYS C HZ1    1 
ATOM   788 H HZ2    . LYS C 3 1  ? 2.205   -3.760  -6.005 1.00 0.00 ? 26 LYS C HZ2    1 
ATOM   789 H HZ3    . LYS C 3 1  ? 3.503   -3.748  -5.008 1.00 0.00 ? 26 LYS C HZ3    1 
ATOM   790 N N      . TRP C 3 2  ? 2.876   -0.504  -0.385 1.00 0.00 ? 27 TRP C N      1 
ATOM   791 C CA     . TRP C 3 2  ? 2.377   0.663   0.358  1.00 0.00 ? 27 TRP C CA     1 
ATOM   792 C C      . TRP C 3 2  ? 1.152   1.295   -0.326 1.00 0.00 ? 27 TRP C C      1 
ATOM   793 O O      . TRP C 3 2  ? 1.250   2.303   -1.032 1.00 0.00 ? 27 TRP C O      1 
ATOM   794 C CB     . TRP C 3 2  ? 3.543   1.639   0.589  1.00 0.00 ? 27 TRP C CB     1 
ATOM   795 C CG     . TRP C 3 2  ? 4.600   1.112   1.517  1.00 0.00 ? 27 TRP C CG     1 
ATOM   796 C CD1    . TRP C 3 2  ? 5.847   0.715   1.172  1.00 0.00 ? 27 TRP C CD1    1 
ATOM   797 C CD2    . TRP C 3 2  ? 4.498   0.894   2.959  1.00 0.00 ? 27 TRP C CD2    1 
ATOM   798 N NE1    . TRP C 3 2  ? 6.522   0.272   2.297  1.00 0.00 ? 27 TRP C NE1    1 
ATOM   799 C CE2    . TRP C 3 2  ? 5.729   0.336   3.422  1.00 0.00 ? 27 TRP C CE2    1 
ATOM   800 C CE3    . TRP C 3 2  ? 3.490   1.116   3.924  1.00 0.00 ? 27 TRP C CE3    1 
ATOM   801 C CZ2    . TRP C 3 2  ? 5.942   -0.001  4.767  1.00 0.00 ? 27 TRP C CZ2    1 
ATOM   802 C CZ3    . TRP C 3 2  ? 3.695   0.784   5.279  1.00 0.00 ? 27 TRP C CZ3    1 
ATOM   803 C CH2    . TRP C 3 2  ? 4.915   0.222   5.700  1.00 0.00 ? 27 TRP C CH2    1 
ATOM   804 H H      . TRP C 3 2  ? 3.220   -0.334  -1.318 1.00 0.00 ? 27 TRP C H      1 
ATOM   805 H HA     . TRP C 3 2  ? 2.038   0.344   1.346  1.00 0.00 ? 27 TRP C HA     1 
ATOM   806 H HB2    . TRP C 3 2  ? 3.999   1.896   -0.369 1.00 0.00 ? 27 TRP C HB2    1 
ATOM   807 H HB3    . TRP C 3 2  ? 3.149   2.559   1.025  1.00 0.00 ? 27 TRP C HB3    1 
ATOM   808 H HD1    . TRP C 3 2  ? 6.259   0.755   0.169  1.00 0.00 ? 27 TRP C HD1    1 
ATOM   809 H HE1    . TRP C 3 2  ? 7.491   -0.026  2.294  1.00 0.00 ? 27 TRP C HE1    1 
ATOM   810 H HE3    . TRP C 3 2  ? 2.548   1.548   3.614  1.00 0.00 ? 27 TRP C HE3    1 
ATOM   811 H HZ2    . TRP C 3 2  ? 6.889   -0.419  5.080  1.00 0.00 ? 27 TRP C HZ2    1 
ATOM   812 H HZ3    . TRP C 3 2  ? 2.908   0.961   6.001  1.00 0.00 ? 27 TRP C HZ3    1 
ATOM   813 H HH2    . TRP C 3 2  ? 5.063   -0.031  6.743  1.00 0.00 ? 27 TRP C HH2    1 
ATOM   814 N N      . LYS C 3 3  ? -0.014  0.665   -0.118 1.00 0.00 ? 28 LYS C N      1 
ATOM   815 C CA     . LYS C 3 3  ? -1.346  1.101   -0.590 1.00 0.00 ? 28 LYS C CA     1 
ATOM   816 C C      . LYS C 3 3  ? -2.457  0.750   0.419  1.00 0.00 ? 28 LYS C C      1 
ATOM   817 O O      . LYS C 3 3  ? -2.244  -0.065  1.323  1.00 0.00 ? 28 LYS C O      1 
ATOM   818 C CB     . LYS C 3 3  ? -1.645  0.485   -1.974 1.00 0.00 ? 28 LYS C CB     1 
ATOM   819 C CG     . LYS C 3 3  ? -1.734  -1.055  -1.965 1.00 0.00 ? 28 LYS C CG     1 
ATOM   820 C CD     . LYS C 3 3  ? -2.082  -1.647  -3.341 1.00 0.00 ? 28 LYS C CD     1 
ATOM   821 C CE     . LYS C 3 3  ? -3.479  -1.272  -3.866 1.00 0.00 ? 28 LYS C CE     1 
ATOM   822 N NZ     . LYS C 3 3  ? -4.575  -1.858  -3.049 1.00 0.00 ? 28 LYS C NZ     1 
ATOM   823 H H      . LYS C 3 3  ? 0.009   -0.158  0.472  1.00 0.00 ? 28 LYS C H      1 
ATOM   824 H HA     . LYS C 3 3  ? -1.344  2.188   -0.695 1.00 0.00 ? 28 LYS C HA     1 
ATOM   825 H HB2    . LYS C 3 3  ? -2.587  0.898   -2.337 1.00 0.00 ? 28 LYS C HB2    1 
ATOM   826 H HB3    . LYS C 3 3  ? -0.862  0.789   -2.672 1.00 0.00 ? 28 LYS C HB3    1 
ATOM   827 H HG2    . LYS C 3 3  ? -0.771  -1.463  -1.655 1.00 0.00 ? 28 LYS C HG2    1 
ATOM   828 H HG3    . LYS C 3 3  ? -2.480  -1.383  -1.242 1.00 0.00 ? 28 LYS C HG3    1 
ATOM   829 H HD2    . LYS C 3 3  ? -1.338  -1.304  -4.063 1.00 0.00 ? 28 LYS C HD2    1 
ATOM   830 H HD3    . LYS C 3 3  ? -2.007  -2.734  -3.283 1.00 0.00 ? 28 LYS C HD3    1 
ATOM   831 H HE2    . LYS C 3 3  ? -3.572  -0.183  -3.897 1.00 0.00 ? 28 LYS C HE2    1 
ATOM   832 H HE3    . LYS C 3 3  ? -3.561  -1.636  -4.894 1.00 0.00 ? 28 LYS C HE3    1 
ATOM   833 H HZ1    . LYS C 3 3  ? -4.596  -1.476  -2.098 1.00 0.00 ? 28 LYS C HZ1    1 
ATOM   834 H HZ2    . LYS C 3 3  ? -5.478  -1.656  -3.456 1.00 0.00 ? 28 LYS C HZ2    1 
ATOM   835 H HZ3    . LYS C 3 3  ? -4.489  -2.861  -2.975 1.00 0.00 ? 28 LYS C HZ3    1 
ATOM   836 N N      . LYS C 3 4  ? -3.642  1.349   0.243  1.00 0.00 ? 29 LYS C N      1 
ATOM   837 C CA     . LYS C 3 4  ? -4.886  0.982   0.953  1.00 0.00 ? 29 LYS C CA     1 
ATOM   838 C C      . LYS C 3 4  ? -5.365  -0.445  0.626  1.00 0.00 ? 29 LYS C C      1 
ATOM   839 O O      . LYS C 3 4  ? -5.124  -0.915  -0.510 1.00 0.00 ? 29 LYS C O      1 
ATOM   840 C CB     . LYS C 3 4  ? -5.976  2.042   0.700  1.00 0.00 ? 29 LYS C CB     1 
ATOM   841 C CG     . LYS C 3 4  ? -6.503  2.078   -0.749 1.00 0.00 ? 29 LYS C CG     1 
ATOM   842 C CD     . LYS C 3 4  ? -7.462  3.253   -1.013 1.00 0.00 ? 29 LYS C CD     1 
ATOM   843 C CE     . LYS C 3 4  ? -8.706  3.298   -0.110 1.00 0.00 ? 29 LYS C CE     1 
ATOM   844 N NZ     . LYS C 3 4  ? -9.599  2.121   -0.303 1.00 0.00 ? 29 LYS C NZ     1 
ATOM   845 O OXT    . LYS C 3 4  ? -5.990  -1.070  1.515  1.00 0.00 ? 29 LYS C OXT    1 
ATOM   846 H H      . LYS C 3 4  ? -3.712  2.008   -0.518 1.00 0.00 ? 29 LYS C H      1 
ATOM   847 H HA     . LYS C 3 4  ? -4.672  0.988   2.022  1.00 0.00 ? 29 LYS C HA     1 
ATOM   848 H HB2    . LYS C 3 4  ? -6.811  1.835   1.373  1.00 0.00 ? 29 LYS C HB2    1 
ATOM   849 H HB3    . LYS C 3 4  ? -5.578  3.025   0.961  1.00 0.00 ? 29 LYS C HB3    1 
ATOM   850 H HG2    . LYS C 3 4  ? -5.660  2.173   -1.435 1.00 0.00 ? 29 LYS C HG2    1 
ATOM   851 H HG3    . LYS C 3 4  ? -7.014  1.142   -0.974 1.00 0.00 ? 29 LYS C HG3    1 
ATOM   852 H HD2    . LYS C 3 4  ? -6.906  4.184   -0.876 1.00 0.00 ? 29 LYS C HD2    1 
ATOM   853 H HD3    . LYS C 3 4  ? -7.779  3.215   -2.057 1.00 0.00 ? 29 LYS C HD3    1 
ATOM   854 H HE2    . LYS C 3 4  ? -8.385  3.365   0.934  1.00 0.00 ? 29 LYS C HE2    1 
ATOM   855 H HE3    . LYS C 3 4  ? -9.257  4.215   -0.341 1.00 0.00 ? 29 LYS C HE3    1 
ATOM   856 H HZ1    . LYS C 3 4  ? -9.133  1.258   -0.052 1.00 0.00 ? 29 LYS C HZ1    1 
ATOM   857 H HZ2    . LYS C 3 4  ? -10.426 2.202   0.276  1.00 0.00 ? 29 LYS C HZ2    1 
ATOM   858 H HZ3    . LYS C 3 4  ? -9.905  2.050   -1.265 1.00 0.00 ? 29 LYS C HZ3    1 
# 
